data_4YCS
#
_entry.id   4YCS
#
_cell.length_a   37.755
_cell.length_b   119.501
_cell.length_c   185.912
_cell.angle_alpha   90.00
_cell.angle_beta   90.00
_cell.angle_gamma   90.00
#
_symmetry.space_group_name_H-M   'P 21 21 21'
#
loop_
_entity.id
_entity.type
_entity.pdbx_description
1 polymer 'Uncharacterized protein'
2 non-polymer GLYCEROL
3 non-polymer 'ACETATE ION'
4 non-polymer 'SODIUM ION'
5 water water
#
_entity_poly.entity_id   1
_entity_poly.type   'polypeptide(L)'
_entity_poly.pdbx_seq_one_letter_code
;SNASNSKKSVS(MSE)ILDIEGTNNEA(MSE)NNSALLALNNAQKKLNIDTNKVESDDSSTFSNSIDILCNDNYDLIIAV
GARFAKPLE(MSE)VAKKYPKQQFAIIDYEYDKQPSNITSISYEDNKSGYLAGLIAGK(MSE)T
;
_entity_poly.pdbx_strand_id   A,B,C,D,E,F
#
loop_
_chem_comp.id
_chem_comp.type
_chem_comp.name
_chem_comp.formula
ACT non-polymer 'ACETATE ION' 'C2 H3 O2 -1'
GOL non-polymer GLYCEROL 'C3 H8 O3'
NA non-polymer 'SODIUM ION' 'Na 1'
#
# COMPACT_ATOMS: atom_id res chain seq x y z
N SER A 6 -28.26 -14.71 15.70
CA SER A 6 -27.92 -15.89 16.59
C SER A 6 -26.38 -16.11 16.67
N LYS A 7 -25.81 -15.99 17.87
CA LYS A 7 -24.36 -16.07 18.02
C LYS A 7 -23.81 -17.44 17.62
N LYS A 8 -22.61 -17.44 17.07
CA LYS A 8 -21.92 -18.64 16.73
C LYS A 8 -20.80 -18.72 17.70
N SER A 9 -20.17 -19.88 17.81
CA SER A 9 -19.10 -20.09 18.77
C SER A 9 -17.94 -20.87 18.11
N VAL A 10 -16.72 -20.54 18.55
CA VAL A 10 -15.46 -21.13 18.04
C VAL A 10 -14.61 -21.53 19.23
N SER A 11 -14.05 -22.72 19.21
CA SER A 11 -13.15 -23.17 20.25
C SER A 11 -11.80 -23.47 19.61
N MSE A 12 -10.73 -23.12 20.31
CA MSE A 12 -9.37 -23.34 19.85
C MSE A 12 -8.64 -24.19 20.86
O MSE A 12 -8.67 -23.88 22.04
CB MSE A 12 -8.67 -21.99 19.64
CG MSE A 12 -7.26 -22.12 19.10
SE MSE A 12 -6.51 -20.37 18.60
CE MSE A 12 -7.21 -20.16 16.78
N ILE A 13 -8.01 -25.26 20.40
CA ILE A 13 -7.22 -26.17 21.25
C ILE A 13 -5.72 -26.03 20.81
N LEU A 14 -4.85 -25.75 21.77
CA LEU A 14 -3.42 -25.52 21.52
C LEU A 14 -2.49 -26.49 22.26
N ASP A 15 -1.40 -26.84 21.58
CA ASP A 15 -0.34 -27.69 22.11
C ASP A 15 0.66 -26.75 22.76
N ILE A 16 0.80 -26.81 24.08
CA ILE A 16 1.70 -25.91 24.82
C ILE A 16 2.93 -26.60 25.45
N GLU A 17 3.28 -27.80 24.99
CA GLU A 17 4.52 -28.46 25.44
C GLU A 17 5.75 -27.77 24.83
N GLY A 18 6.67 -27.35 25.69
CA GLY A 18 7.85 -26.66 25.24
C GLY A 18 7.56 -25.22 24.88
N THR A 19 8.44 -24.64 24.08
CA THR A 19 8.37 -23.24 23.70
C THR A 19 8.40 -23.06 22.19
N ASN A 20 8.63 -24.15 21.46
CA ASN A 20 8.74 -24.10 20.00
C ASN A 20 7.44 -23.70 19.30
N ASN A 21 6.31 -23.80 19.99
CA ASN A 21 5.01 -23.44 19.40
C ASN A 21 4.51 -22.04 19.80
N GLU A 22 5.23 -21.35 20.68
CA GLU A 22 4.75 -20.09 21.27
C GLU A 22 4.35 -19.05 20.25
N ALA A 23 5.20 -18.79 19.26
CA ALA A 23 4.92 -17.78 18.25
C ALA A 23 3.65 -18.09 17.46
N MSE A 24 3.56 -19.32 16.96
CA MSE A 24 2.39 -19.77 16.20
C MSE A 24 1.12 -19.73 17.03
O MSE A 24 0.06 -19.40 16.53
CB MSE A 24 2.62 -21.23 15.82
CG MSE A 24 1.61 -21.62 14.77
SE MSE A 24 2.00 -23.41 14.07
CE MSE A 24 1.73 -24.46 15.69
N ASN A 25 1.24 -20.11 18.30
CA ASN A 25 0.15 -20.08 19.25
C ASN A 25 -0.38 -18.69 19.43
N ASN A 26 0.53 -17.73 19.61
CA ASN A 26 0.12 -16.34 19.77
C ASN A 26 -0.55 -15.77 18.55
N SER A 27 -0.07 -16.15 17.38
CA SER A 27 -0.66 -15.70 16.13
C SER A 27 -2.06 -16.28 15.95
N ALA A 28 -2.24 -17.55 16.31
CA ALA A 28 -3.54 -18.19 16.21
C ALA A 28 -4.56 -17.47 17.12
N LEU A 29 -4.14 -17.20 18.35
CA LEU A 29 -4.98 -16.51 19.29
C LEU A 29 -5.35 -15.11 18.88
N LEU A 30 -4.42 -14.39 18.23
CA LEU A 30 -4.68 -13.04 17.78
C LEU A 30 -5.68 -13.08 16.65
N ALA A 31 -5.51 -14.04 15.74
CA ALA A 31 -6.43 -14.21 14.62
C ALA A 31 -7.89 -14.43 15.10
N LEU A 32 -8.02 -15.21 16.17
CA LEU A 32 -9.32 -15.57 16.74
C LEU A 32 -9.94 -14.33 17.39
N ASN A 33 -9.15 -13.65 18.20
CA ASN A 33 -9.56 -12.37 18.75
C ASN A 33 -9.96 -11.31 17.70
N ASN A 34 -9.24 -11.25 16.59
CA ASN A 34 -9.56 -10.33 15.50
C ASN A 34 -10.87 -10.68 14.80
N ALA A 35 -11.08 -11.97 14.58
CA ALA A 35 -12.33 -12.44 14.00
C ALA A 35 -13.51 -12.04 14.89
N GLN A 36 -13.34 -12.19 16.20
CA GLN A 36 -14.39 -11.88 17.16
C GLN A 36 -14.84 -10.42 17.11
N LYS A 37 -13.89 -9.54 16.81
CA LYS A 37 -14.16 -8.14 16.67
C LYS A 37 -15.01 -7.82 15.44
N LYS A 38 -14.94 -8.63 14.42
CA LYS A 38 -15.72 -8.38 13.22
C LYS A 38 -17.04 -9.15 13.22
N LEU A 39 -17.15 -10.17 14.05
CA LEU A 39 -18.30 -11.04 14.01
C LEU A 39 -18.98 -11.08 15.37
N ASN A 40 -20.14 -11.71 15.40
CA ASN A 40 -20.81 -12.00 16.64
C ASN A 40 -20.49 -13.43 17.07
N ILE A 41 -19.34 -13.62 17.70
CA ILE A 41 -18.96 -14.94 18.06
C ILE A 41 -18.46 -15.03 19.49
N ASP A 42 -18.81 -16.13 20.13
CA ASP A 42 -18.22 -16.52 21.42
C ASP A 42 -16.93 -17.27 21.17
N THR A 43 -15.95 -17.16 22.06
CA THR A 43 -14.73 -17.96 21.91
C THR A 43 -14.39 -18.69 23.19
N ASN A 44 -13.59 -19.76 23.00
CA ASN A 44 -13.12 -20.58 24.07
C ASN A 44 -11.75 -21.12 23.66
N LYS A 45 -10.86 -21.34 24.62
CA LYS A 45 -9.62 -22.03 24.34
C LYS A 45 -9.32 -23.13 25.32
N VAL A 46 -8.65 -24.17 24.83
CA VAL A 46 -8.16 -25.28 25.62
C VAL A 46 -6.67 -25.40 25.34
N GLU A 47 -5.86 -25.53 26.40
CA GLU A 47 -4.40 -25.69 26.29
C GLU A 47 -3.94 -26.99 26.95
N SER A 48 -3.05 -27.72 26.30
CA SER A 48 -2.55 -28.98 26.87
C SER A 48 -1.12 -29.29 26.44
N ASP A 49 -0.27 -29.72 27.38
CA ASP A 49 1.06 -30.25 27.05
C ASP A 49 1.09 -31.78 26.92
N ASP A 50 -0.04 -32.43 27.26
CA ASP A 50 -0.17 -33.89 27.28
C ASP A 50 -0.92 -34.46 26.04
N SER A 51 -0.16 -34.84 25.00
CA SER A 51 -0.74 -35.32 23.74
C SER A 51 -1.62 -36.54 23.87
N SER A 52 -1.43 -37.31 24.94
CA SER A 52 -2.28 -38.48 25.17
C SER A 52 -3.76 -38.15 25.41
N THR A 53 -4.07 -36.92 25.82
CA THR A 53 -5.44 -36.53 26.14
C THR A 53 -6.11 -35.73 25.00
N PHE A 54 -5.36 -35.49 23.92
CA PHE A 54 -5.80 -34.68 22.78
C PHE A 54 -7.12 -35.18 22.18
N SER A 55 -7.23 -36.48 21.89
CA SER A 55 -8.44 -37.00 21.27
C SER A 55 -9.66 -36.89 22.23
N ASN A 56 -9.45 -37.13 23.52
CA ASN A 56 -10.52 -36.96 24.48
C ASN A 56 -11.03 -35.50 24.52
N SER A 57 -10.09 -34.59 24.56
CA SER A 57 -10.40 -33.17 24.65
C SER A 57 -11.18 -32.67 23.41
N ILE A 58 -10.81 -33.15 22.21
CA ILE A 58 -11.50 -32.77 20.99
C ILE A 58 -12.90 -33.36 20.96
N ASP A 59 -13.01 -34.59 21.46
CA ASP A 59 -14.30 -35.24 21.57
C ASP A 59 -15.27 -34.48 22.49
N ILE A 60 -14.75 -34.00 23.63
CA ILE A 60 -15.55 -33.16 24.50
C ILE A 60 -16.03 -31.89 23.77
N LEU A 61 -15.15 -31.23 23.01
CA LEU A 61 -15.52 -30.02 22.26
C LEU A 61 -16.60 -30.30 21.22
N CYS A 62 -16.59 -31.51 20.64
CA CYS A 62 -17.63 -31.92 19.69
C CYS A 62 -18.99 -32.10 20.34
N ASN A 63 -19.03 -32.14 21.67
CA ASN A 63 -20.29 -32.21 22.44
C ASN A 63 -20.58 -30.93 23.20
N ASP A 64 -19.91 -29.83 22.86
CA ASP A 64 -20.13 -28.53 23.52
C ASP A 64 -20.68 -27.43 22.57
N ASN A 65 -21.25 -27.81 21.44
CA ASN A 65 -21.95 -26.90 20.56
C ASN A 65 -21.06 -25.76 20.01
N TYR A 66 -19.95 -26.11 19.39
CA TYR A 66 -19.09 -25.14 18.70
C TYR A 66 -19.28 -25.25 17.16
N ASP A 67 -19.42 -24.12 16.49
CA ASP A 67 -19.59 -24.15 15.04
C ASP A 67 -18.27 -24.46 14.37
N LEU A 68 -17.16 -24.18 15.07
CA LEU A 68 -15.82 -24.51 14.54
C LEU A 68 -14.88 -24.82 15.67
N ILE A 69 -14.09 -25.86 15.48
CA ILE A 69 -13.08 -26.29 16.43
C ILE A 69 -11.73 -26.20 15.71
N ILE A 70 -10.85 -25.37 16.23
CA ILE A 70 -9.54 -25.11 15.63
C ILE A 70 -8.40 -25.74 16.47
N ALA A 71 -7.66 -26.65 15.88
CA ALA A 71 -6.52 -27.30 16.50
C ALA A 71 -5.22 -26.65 15.96
N VAL A 72 -4.35 -26.22 16.87
CA VAL A 72 -3.13 -25.52 16.50
C VAL A 72 -1.88 -26.40 16.69
N GLY A 73 -1.38 -26.92 15.58
CA GLY A 73 -0.11 -27.69 15.60
C GLY A 73 -0.26 -29.07 14.96
N ALA A 74 0.85 -29.55 14.39
CA ALA A 74 0.90 -30.84 13.71
C ALA A 74 0.70 -32.01 14.68
N ARG A 75 0.94 -31.82 15.96
CA ARG A 75 0.69 -32.91 16.91
C ARG A 75 -0.79 -33.27 17.05
N PHE A 76 -1.70 -32.40 16.58
CA PHE A 76 -3.14 -32.75 16.59
C PHE A 76 -3.61 -33.59 15.40
N ALA A 77 -2.74 -33.75 14.40
CA ALA A 77 -3.10 -34.42 13.13
C ALA A 77 -3.87 -35.71 13.35
N LYS A 78 -3.24 -36.64 14.06
CA LYS A 78 -3.85 -37.97 14.26
C LYS A 78 -5.09 -37.99 15.17
N PRO A 79 -5.05 -37.34 16.36
CA PRO A 79 -6.25 -37.35 17.21
C PRO A 79 -7.42 -36.60 16.60
N LEU A 80 -7.15 -35.60 15.78
CA LEU A 80 -8.22 -34.84 15.10
C LEU A 80 -8.88 -35.63 14.00
N GLU A 81 -8.08 -36.33 13.20
CA GLU A 81 -8.64 -37.17 12.13
C GLU A 81 -9.56 -38.26 12.71
N MSE A 82 -9.10 -38.90 13.77
CA MSE A 82 -9.89 -39.91 14.50
C MSE A 82 -11.24 -39.39 14.98
O MSE A 82 -12.26 -40.07 14.82
CB MSE A 82 -9.07 -40.37 15.71
CG MSE A 82 -9.67 -41.57 16.46
SE MSE A 82 -8.79 -41.84 18.22
CE MSE A 82 -10.39 -41.47 19.34
N VAL A 83 -11.26 -38.20 15.59
CA VAL A 83 -12.48 -37.69 16.17
C VAL A 83 -13.42 -37.11 15.09
N ALA A 84 -12.84 -36.49 14.08
CA ALA A 84 -13.61 -35.93 13.00
C ALA A 84 -14.47 -36.97 12.25
N LYS A 85 -13.98 -38.21 12.18
CA LYS A 85 -14.76 -39.32 11.63
C LYS A 85 -16.04 -39.57 12.43
N LYS A 86 -16.01 -39.29 13.75
CA LYS A 86 -17.14 -39.63 14.64
C LYS A 86 -18.21 -38.51 14.66
N TYR A 87 -17.86 -37.34 14.09
CA TYR A 87 -18.77 -36.20 14.09
C TYR A 87 -18.79 -35.54 12.71
N PRO A 88 -19.43 -36.20 11.73
CA PRO A 88 -19.31 -35.76 10.35
C PRO A 88 -19.77 -34.36 10.02
N LYS A 89 -20.78 -33.83 10.73
CA LYS A 89 -21.27 -32.45 10.53
C LYS A 89 -20.41 -31.40 11.31
N GLN A 90 -19.50 -31.84 12.16
CA GLN A 90 -18.69 -30.89 12.93
C GLN A 90 -17.59 -30.34 12.02
N GLN A 91 -17.47 -29.01 11.98
CA GLN A 91 -16.42 -28.37 11.21
C GLN A 91 -15.20 -28.20 12.05
N PHE A 92 -14.07 -28.59 11.48
CA PHE A 92 -12.79 -28.45 12.13
C PHE A 92 -11.76 -27.73 11.23
N ALA A 93 -10.73 -27.17 11.86
CA ALA A 93 -9.58 -26.56 11.18
C ALA A 93 -8.33 -26.99 11.91
N ILE A 94 -7.25 -27.21 11.15
CA ILE A 94 -5.98 -27.50 11.75
C ILE A 94 -4.93 -26.55 11.18
N ILE A 95 -4.12 -25.98 12.09
CA ILE A 95 -3.05 -25.06 11.72
C ILE A 95 -1.68 -25.77 11.68
N ASP A 96 -1.00 -25.64 10.53
CA ASP A 96 0.37 -26.14 10.30
C ASP A 96 0.41 -27.63 9.98
N TYR A 97 -0.60 -28.10 9.24
CA TYR A 97 -0.64 -29.50 8.81
C TYR A 97 -1.60 -29.70 7.62
N GLU A 98 -1.14 -30.47 6.64
CA GLU A 98 -1.94 -30.82 5.50
C GLU A 98 -2.01 -32.33 5.41
N TYR A 99 -3.22 -32.88 5.32
CA TYR A 99 -3.41 -34.33 5.17
C TYR A 99 -3.23 -34.74 3.71
N ASP A 100 -2.72 -35.95 3.48
CA ASP A 100 -2.55 -36.44 2.10
C ASP A 100 -3.92 -36.65 1.49
N LYS A 101 -4.78 -37.29 2.26
CA LYS A 101 -6.17 -37.46 1.90
C LYS A 101 -7.04 -36.63 2.89
N GLN A 102 -7.29 -35.39 2.50
CA GLN A 102 -8.00 -34.38 3.33
C GLN A 102 -9.44 -34.77 3.73
N PRO A 103 -9.70 -34.92 5.04
CA PRO A 103 -11.07 -35.20 5.46
C PRO A 103 -12.04 -34.04 5.12
N SER A 104 -13.25 -34.39 4.72
CA SER A 104 -14.21 -33.44 4.20
C SER A 104 -14.60 -32.35 5.23
N ASN A 105 -14.48 -32.64 6.53
CA ASN A 105 -14.85 -31.67 7.58
C ASN A 105 -13.63 -31.00 8.23
N ILE A 106 -12.45 -31.13 7.61
CA ILE A 106 -11.25 -30.52 8.16
C ILE A 106 -10.59 -29.63 7.15
N THR A 107 -10.44 -28.35 7.50
CA THR A 107 -9.74 -27.35 6.66
C THR A 107 -8.37 -27.16 7.24
N SER A 108 -7.35 -27.26 6.37
CA SER A 108 -5.99 -27.08 6.75
C SER A 108 -5.57 -25.63 6.48
N ILE A 109 -4.78 -25.07 7.39
CA ILE A 109 -4.28 -23.71 7.25
C ILE A 109 -2.76 -23.72 7.50
N SER A 110 -2.02 -23.16 6.59
CA SER A 110 -0.55 -23.12 6.75
C SER A 110 -0.08 -22.20 7.90
N TYR A 111 1.17 -22.35 8.31
CA TYR A 111 1.82 -21.44 9.27
C TYR A 111 1.80 -19.99 8.75
N GLU A 112 1.88 -19.81 7.42
CA GLU A 112 1.88 -18.49 6.78
C GLU A 112 0.47 -17.84 6.87
N ASP A 113 -0.52 -18.60 6.46
CA ASP A 113 -1.89 -18.16 6.48
C ASP A 113 -2.38 -17.89 7.91
N ASN A 114 -1.82 -18.61 8.88
CA ASN A 114 -2.11 -18.39 10.31
C ASN A 114 -1.88 -16.94 10.75
N LYS A 115 -0.87 -16.27 10.19
CA LYS A 115 -0.50 -14.92 10.62
C LYS A 115 -0.70 -13.80 9.57
N SER A 116 -1.26 -14.12 8.40
CA SER A 116 -1.47 -13.16 7.33
C SER A 116 -2.83 -12.43 7.36
N GLY A 117 -3.69 -12.77 8.32
CA GLY A 117 -5.08 -12.30 8.26
C GLY A 117 -6.01 -13.32 7.61
N TYR A 118 -5.43 -14.31 6.94
CA TYR A 118 -6.19 -15.37 6.30
C TYR A 118 -6.99 -16.16 7.26
N LEU A 119 -6.44 -16.45 8.44
CA LEU A 119 -7.20 -17.24 9.39
C LEU A 119 -8.44 -16.51 9.86
N ALA A 120 -8.31 -15.23 10.17
CA ALA A 120 -9.49 -14.45 10.66
C ALA A 120 -10.58 -14.39 9.60
N GLY A 121 -10.10 -14.31 8.36
CA GLY A 121 -10.97 -14.25 7.21
C GLY A 121 -11.71 -15.55 7.06
N LEU A 122 -10.95 -16.64 7.20
CA LEU A 122 -11.54 -17.97 7.05
C LEU A 122 -12.63 -18.19 8.08
N ILE A 123 -12.39 -17.74 9.31
CA ILE A 123 -13.33 -17.93 10.40
C ILE A 123 -14.59 -17.14 10.02
N ALA A 124 -14.41 -15.90 9.58
CA ALA A 124 -15.54 -15.06 9.18
C ALA A 124 -16.38 -15.68 8.08
N GLY A 125 -15.71 -16.22 7.07
CA GLY A 125 -16.41 -16.85 5.97
C GLY A 125 -17.13 -18.08 6.42
N LYS A 126 -16.51 -18.88 7.28
CA LYS A 126 -17.22 -20.09 7.80
C LYS A 126 -18.43 -19.76 8.68
N MSE A 127 -18.35 -18.67 9.44
CA MSE A 127 -19.40 -18.32 10.41
C MSE A 127 -20.53 -17.62 9.70
O MSE A 127 -21.62 -17.47 10.25
CB MSE A 127 -18.89 -17.36 11.48
CG MSE A 127 -17.82 -17.93 12.37
SE MSE A 127 -18.48 -19.49 13.36
CE MSE A 127 -17.92 -20.97 12.23
N THR A 128 -20.30 -17.18 8.47
CA THR A 128 -21.34 -16.50 7.68
C THR A 128 -21.67 -17.34 6.43
N SER B 6 30.12 10.45 6.45
CA SER B 6 30.33 9.04 5.99
C SER B 6 29.52 8.04 6.87
N LYS B 7 28.88 7.06 6.21
CA LYS B 7 28.04 6.06 6.88
C LYS B 7 28.94 5.11 7.63
N LYS B 8 28.44 4.47 8.68
CA LYS B 8 29.28 3.44 9.37
C LYS B 8 29.37 2.10 8.60
N SER B 9 30.49 1.40 8.76
CA SER B 9 30.72 0.17 8.04
C SER B 9 31.42 -0.87 8.94
N VAL B 10 31.13 -2.13 8.69
CA VAL B 10 31.66 -3.27 9.46
C VAL B 10 32.22 -4.27 8.49
N SER B 11 33.40 -4.77 8.79
CA SER B 11 33.98 -5.83 7.98
C SER B 11 34.14 -7.11 8.83
N MSE B 12 33.93 -8.25 8.20
CA MSE B 12 34.05 -9.56 8.86
C MSE B 12 35.02 -10.44 8.08
O MSE B 12 34.80 -10.66 6.88
CB MSE B 12 32.67 -10.21 8.93
CG MSE B 12 32.71 -11.54 9.69
SE MSE B 12 30.90 -12.20 10.12
CE MSE B 12 30.45 -11.08 11.64
N ILE B 13 36.02 -11.01 8.76
CA ILE B 13 36.93 -11.95 8.14
C ILE B 13 36.73 -13.36 8.72
N LEU B 14 36.60 -14.36 7.85
CA LEU B 14 36.29 -15.69 8.27
C LEU B 14 37.35 -16.71 7.78
N ASP B 15 37.53 -17.74 8.61
CA ASP B 15 38.47 -18.85 8.37
C ASP B 15 37.63 -20.02 7.86
N ILE B 16 37.72 -20.30 6.57
CA ILE B 16 36.87 -21.32 5.93
C ILE B 16 37.60 -22.64 5.62
N GLU B 17 38.67 -22.91 6.33
CA GLU B 17 39.40 -24.17 6.17
C GLU B 17 38.52 -25.25 6.76
N GLY B 18 38.40 -26.37 6.05
CA GLY B 18 37.74 -27.53 6.60
C GLY B 18 36.27 -27.37 6.90
N THR B 19 35.76 -27.98 7.97
CA THR B 19 34.37 -27.86 8.30
C THR B 19 34.06 -27.41 9.75
N ASN B 20 35.03 -27.45 10.63
CA ASN B 20 34.78 -27.18 12.05
C ASN B 20 34.28 -25.75 12.34
N ASN B 21 34.51 -24.80 11.44
CA ASN B 21 34.03 -23.41 11.65
C ASN B 21 32.71 -23.10 10.95
N GLU B 22 32.11 -24.07 10.27
CA GLU B 22 30.90 -23.77 9.50
C GLU B 22 29.77 -23.21 10.37
N ALA B 23 29.46 -23.85 11.49
CA ALA B 23 28.35 -23.40 12.33
C ALA B 23 28.65 -21.99 12.90
N MSE B 24 29.86 -21.80 13.38
CA MSE B 24 30.25 -20.51 13.96
C MSE B 24 30.20 -19.43 12.91
O MSE B 24 29.71 -18.28 13.17
CB MSE B 24 31.67 -20.59 14.50
CG MSE B 24 32.16 -19.31 15.13
SE MSE B 24 33.98 -19.54 15.85
CE MSE B 24 34.87 -20.34 14.31
N ASN B 25 30.64 -19.78 11.71
CA ASN B 25 30.65 -18.87 10.58
C ASN B 25 29.26 -18.47 10.17
N ASN B 26 28.35 -19.45 10.08
CA ASN B 26 26.99 -19.18 9.71
C ASN B 26 26.33 -18.27 10.73
N SER B 27 26.58 -18.53 12.03
CA SER B 27 26.03 -17.73 13.11
C SER B 27 26.56 -16.29 13.06
N ALA B 28 27.86 -16.12 12.81
CA ALA B 28 28.49 -14.76 12.73
C ALA B 28 27.88 -13.97 11.56
N LEU B 29 27.72 -14.63 10.40
CA LEU B 29 27.17 -13.99 9.23
C LEU B 29 25.71 -13.62 9.44
N LEU B 30 24.95 -14.46 10.13
CA LEU B 30 23.57 -14.18 10.41
C LEU B 30 23.45 -12.98 11.36
N ALA B 31 24.28 -12.94 12.39
CA ALA B 31 24.35 -11.81 13.32
C ALA B 31 24.63 -10.46 12.57
N LEU B 32 25.59 -10.49 11.67
CA LEU B 32 25.91 -9.35 10.82
C LEU B 32 24.77 -8.94 9.92
N ASN B 33 24.12 -9.90 9.26
CA ASN B 33 22.91 -9.62 8.49
C ASN B 33 21.80 -8.98 9.29
N ASN B 34 21.58 -9.49 10.50
CA ASN B 34 20.54 -8.98 11.36
C ASN B 34 20.85 -7.56 11.81
N ALA B 35 22.11 -7.35 12.16
CA ALA B 35 22.57 -6.03 12.60
C ALA B 35 22.30 -5.02 11.49
N GLN B 36 22.67 -5.34 10.24
CA GLN B 36 22.44 -4.41 9.13
C GLN B 36 20.98 -4.18 8.80
N LYS B 37 20.12 -5.15 9.08
CA LYS B 37 18.69 -4.93 8.87
C LYS B 37 18.13 -3.91 9.83
N LYS B 38 18.70 -3.81 11.02
CA LYS B 38 18.29 -2.83 12.02
C LYS B 38 18.99 -1.47 11.90
N LEU B 39 20.27 -1.47 11.56
CA LEU B 39 21.07 -0.26 11.51
C LEU B 39 21.29 0.19 10.07
N ASN B 40 21.80 1.37 9.92
CA ASN B 40 22.09 1.87 8.60
C ASN B 40 23.61 1.80 8.42
N ILE B 41 24.08 0.63 7.93
CA ILE B 41 25.48 0.35 7.82
C ILE B 41 25.83 -0.32 6.51
N ASP B 42 27.08 -0.16 6.10
CA ASP B 42 27.63 -0.96 5.06
C ASP B 42 28.40 -2.16 5.64
N THR B 43 28.44 -3.28 4.92
CA THR B 43 29.19 -4.47 5.39
C THR B 43 30.03 -5.06 4.29
N ASN B 44 31.04 -5.83 4.71
CA ASN B 44 32.00 -6.47 3.83
C ASN B 44 32.43 -7.78 4.48
N LYS B 45 32.70 -8.79 3.66
CA LYS B 45 33.06 -10.16 4.13
C LYS B 45 34.25 -10.61 3.34
N VAL B 46 35.27 -11.09 4.05
CA VAL B 46 36.48 -11.68 3.47
C VAL B 46 36.59 -13.12 4.03
N GLU B 47 36.92 -14.08 3.17
CA GLU B 47 36.99 -15.50 3.53
C GLU B 47 38.30 -16.08 3.02
N SER B 48 38.97 -16.87 3.84
CA SER B 48 40.22 -17.54 3.45
C SER B 48 40.41 -18.85 4.20
N ASP B 49 41.01 -19.82 3.51
CA ASP B 49 41.38 -21.11 4.13
C ASP B 49 42.87 -21.17 4.41
N ASP B 50 43.58 -20.09 4.08
CA ASP B 50 45.04 -20.01 4.15
C ASP B 50 45.56 -19.11 5.27
N SER B 51 45.90 -19.70 6.38
CA SER B 51 46.37 -18.96 7.55
C SER B 51 47.55 -18.02 7.31
N SER B 52 48.40 -18.30 6.34
CA SER B 52 49.59 -17.47 6.10
C SER B 52 49.26 -16.09 5.47
N THR B 53 48.06 -15.93 4.93
CA THR B 53 47.62 -14.63 4.40
C THR B 53 46.78 -13.78 5.40
N PHE B 54 46.43 -14.35 6.57
CA PHE B 54 45.53 -13.73 7.56
C PHE B 54 46.02 -12.32 7.93
N SER B 55 47.30 -12.19 8.24
CA SER B 55 47.91 -10.88 8.60
C SER B 55 47.70 -9.83 7.55
N ASN B 56 48.10 -10.17 6.35
CA ASN B 56 48.01 -9.25 5.25
C ASN B 56 46.57 -8.85 4.97
N SER B 57 45.66 -9.80 5.00
CA SER B 57 44.23 -9.53 4.78
C SER B 57 43.66 -8.56 5.85
N ILE B 58 44.00 -8.76 7.12
CA ILE B 58 43.54 -7.84 8.18
C ILE B 58 44.17 -6.45 7.94
N ASP B 59 45.45 -6.41 7.56
CA ASP B 59 46.14 -5.15 7.34
C ASP B 59 45.47 -4.36 6.20
N ILE B 60 45.06 -5.05 5.15
CA ILE B 60 44.29 -4.42 4.05
C ILE B 60 42.95 -3.83 4.55
N LEU B 61 42.23 -4.57 5.38
CA LEU B 61 40.97 -4.06 5.97
C LEU B 61 41.20 -2.80 6.82
N CYS B 62 42.32 -2.76 7.53
CA CYS B 62 42.71 -1.59 8.32
C CYS B 62 43.02 -0.34 7.50
N ASN B 63 43.26 -0.51 6.19
CA ASN B 63 43.44 0.61 5.28
C ASN B 63 42.18 0.96 4.48
N ASP B 64 41.03 0.35 4.78
CA ASP B 64 39.75 0.53 4.03
C ASP B 64 38.60 1.19 4.77
N ASN B 65 38.92 1.91 5.84
CA ASN B 65 37.96 2.68 6.62
C ASN B 65 36.71 1.98 7.19
N TYR B 66 36.87 0.88 7.92
CA TYR B 66 35.76 0.23 8.66
C TYR B 66 35.71 0.73 10.10
N ASP B 67 34.51 0.88 10.63
CA ASP B 67 34.36 1.26 12.02
C ASP B 67 34.64 0.07 12.92
N LEU B 68 34.47 -1.14 12.38
CA LEU B 68 34.65 -2.36 13.17
C LEU B 68 35.07 -3.47 12.25
N ILE B 69 36.14 -4.19 12.64
CA ILE B 69 36.61 -5.36 11.91
C ILE B 69 36.47 -6.54 12.86
N ILE B 70 35.72 -7.57 12.44
CA ILE B 70 35.40 -8.75 13.23
C ILE B 70 36.10 -9.96 12.67
N ALA B 71 37.00 -10.55 13.46
CA ALA B 71 37.71 -11.78 13.12
C ALA B 71 36.99 -12.99 13.74
N VAL B 72 36.58 -13.94 12.90
CA VAL B 72 35.87 -15.12 13.42
C VAL B 72 36.79 -16.35 13.55
N GLY B 73 37.13 -16.71 14.80
CA GLY B 73 37.88 -17.93 15.11
C GLY B 73 39.24 -17.67 15.69
N ALA B 74 39.69 -18.66 16.46
CA ALA B 74 40.93 -18.59 17.20
C ALA B 74 42.19 -18.51 16.34
N ARG B 75 42.15 -19.03 15.13
CA ARG B 75 43.31 -18.89 14.24
C ARG B 75 43.67 -17.44 13.86
N PHE B 76 42.78 -16.48 14.12
CA PHE B 76 43.11 -15.07 13.90
C PHE B 76 43.81 -14.42 15.11
N ALA B 77 43.87 -15.11 16.24
CA ALA B 77 44.44 -14.55 17.49
C ALA B 77 45.76 -13.82 17.28
N LYS B 78 46.73 -14.49 16.70
CA LYS B 78 48.09 -13.94 16.55
C LYS B 78 48.21 -12.87 15.49
N PRO B 79 47.80 -13.15 14.24
CA PRO B 79 47.85 -12.06 13.26
C PRO B 79 47.06 -10.81 13.67
N LEU B 80 45.95 -11.00 14.39
CA LEU B 80 45.13 -9.87 14.80
C LEU B 80 45.85 -9.00 15.86
N GLU B 81 46.47 -9.63 16.87
CA GLU B 81 47.25 -8.89 17.88
C GLU B 81 48.34 -8.07 17.26
N MSE B 82 49.05 -8.65 16.31
CA MSE B 82 50.13 -7.98 15.63
C MSE B 82 49.64 -6.74 14.88
O MSE B 82 50.20 -5.63 15.01
CB MSE B 82 50.73 -9.01 14.70
CG MSE B 82 51.88 -8.46 13.88
SE MSE B 82 52.66 -10.00 12.87
CE MSE B 82 53.36 -11.16 14.32
N VAL B 83 48.59 -6.91 14.07
CA VAL B 83 48.11 -5.84 13.23
C VAL B 83 47.44 -4.75 14.10
N ALA B 84 46.69 -5.16 15.11
CA ALA B 84 46.03 -4.21 16.02
C ALA B 84 46.97 -3.20 16.64
N LYS B 85 48.21 -3.61 16.87
CA LYS B 85 49.24 -2.71 17.40
C LYS B 85 49.61 -1.56 16.44
N LYS B 86 49.49 -1.80 15.13
CA LYS B 86 49.86 -0.84 14.10
C LYS B 86 48.70 0.15 13.82
N TYR B 87 47.48 -0.22 14.20
CA TYR B 87 46.28 0.59 13.97
C TYR B 87 45.54 0.80 15.29
N PRO B 88 46.12 1.63 16.20
CA PRO B 88 45.55 1.76 17.50
C PRO B 88 44.17 2.39 17.54
N LYS B 89 43.83 3.15 16.51
CA LYS B 89 42.49 3.78 16.42
C LYS B 89 41.43 2.80 15.92
N GLN B 90 41.84 1.70 15.30
CA GLN B 90 40.91 0.73 14.76
C GLN B 90 40.34 -0.14 15.85
N GLN B 91 39.01 -0.27 15.84
CA GLN B 91 38.28 -1.15 16.72
C GLN B 91 38.15 -2.51 16.05
N PHE B 92 38.48 -3.57 16.81
CA PHE B 92 38.40 -4.96 16.34
C PHE B 92 37.59 -5.84 17.32
N ALA B 93 37.09 -6.95 16.81
CA ALA B 93 36.46 -7.95 17.65
C ALA B 93 36.96 -9.32 17.19
N ILE B 94 37.05 -10.28 18.10
CA ILE B 94 37.43 -11.63 17.75
C ILE B 94 36.43 -12.58 18.39
N ILE B 95 35.97 -13.56 17.60
CA ILE B 95 35.04 -14.55 18.07
C ILE B 95 35.79 -15.83 18.45
N ASP B 96 35.51 -16.31 19.66
CA ASP B 96 36.00 -17.60 20.18
C ASP B 96 37.49 -17.57 20.55
N TYR B 97 37.95 -16.45 21.06
CA TYR B 97 39.31 -16.36 21.56
C TYR B 97 39.37 -15.22 22.57
N GLU B 98 40.05 -15.46 23.70
CA GLU B 98 40.33 -14.41 24.68
C GLU B 98 41.83 -14.35 24.92
N TYR B 99 42.38 -13.15 24.87
CA TYR B 99 43.81 -12.95 25.18
C TYR B 99 44.02 -12.95 26.72
N ASP B 100 45.14 -13.50 27.18
CA ASP B 100 45.46 -13.41 28.61
C ASP B 100 45.61 -11.94 28.99
N LYS B 101 46.36 -11.16 28.19
CA LYS B 101 46.40 -9.70 28.34
C LYS B 101 45.73 -9.07 27.14
N GLN B 102 44.53 -8.54 27.34
CA GLN B 102 43.66 -8.12 26.23
C GLN B 102 44.07 -6.80 25.62
N PRO B 103 44.49 -6.80 24.34
CA PRO B 103 44.75 -5.53 23.67
C PRO B 103 43.57 -4.57 23.79
N SER B 104 43.88 -3.29 23.92
CA SER B 104 42.90 -2.28 24.31
C SER B 104 41.87 -2.05 23.21
N ASN B 105 42.22 -2.36 21.96
CA ASN B 105 41.29 -2.12 20.84
C ASN B 105 40.68 -3.42 20.27
N ILE B 106 40.74 -4.51 21.05
CA ILE B 106 40.13 -5.78 20.65
C ILE B 106 39.16 -6.25 21.69
N THR B 107 37.92 -6.42 21.24
CA THR B 107 36.88 -7.02 22.04
C THR B 107 36.73 -8.51 21.71
N SER B 108 36.79 -9.38 22.71
CA SER B 108 36.64 -10.81 22.56
C SER B 108 35.19 -11.20 22.75
N ILE B 109 34.69 -12.12 21.93
CA ILE B 109 33.32 -12.61 22.07
C ILE B 109 33.36 -14.13 22.11
N SER B 110 32.78 -14.70 23.14
CA SER B 110 32.71 -16.19 23.23
C SER B 110 31.86 -16.89 22.12
N TYR B 111 32.07 -18.21 21.96
CA TYR B 111 31.32 -19.02 20.98
C TYR B 111 29.82 -18.93 21.29
N GLU B 112 29.51 -19.04 22.58
CA GLU B 112 28.10 -18.99 23.03
C GLU B 112 27.43 -17.65 22.64
N ASP B 113 28.16 -16.55 22.81
CA ASP B 113 27.60 -15.23 22.58
C ASP B 113 27.51 -14.94 21.07
N ASN B 114 28.36 -15.56 20.28
CA ASN B 114 28.23 -15.51 18.82
C ASN B 114 26.94 -16.19 18.36
N LYS B 115 26.58 -17.28 19.06
CA LYS B 115 25.46 -18.16 18.69
C LYS B 115 24.13 -17.52 19.07
N SER B 116 24.09 -16.87 20.24
CA SER B 116 22.89 -16.12 20.69
C SER B 116 22.79 -14.79 19.91
N GLY B 117 21.76 -14.00 20.20
CA GLY B 117 21.65 -12.66 19.59
C GLY B 117 22.65 -11.64 20.13
N TYR B 118 23.60 -12.08 20.94
CA TYR B 118 24.53 -11.18 21.57
C TYR B 118 25.38 -10.42 20.56
N LEU B 119 25.97 -11.12 19.60
CA LEU B 119 26.80 -10.44 18.62
C LEU B 119 26.09 -9.35 17.82
N ALA B 120 24.89 -9.65 17.37
CA ALA B 120 24.10 -8.62 16.67
C ALA B 120 23.89 -7.39 17.56
N GLY B 121 23.64 -7.64 18.84
CA GLY B 121 23.47 -6.53 19.80
C GLY B 121 24.74 -5.72 19.99
N LEU B 122 25.84 -6.44 20.12
CA LEU B 122 27.14 -5.83 20.25
C LEU B 122 27.45 -4.90 19.08
N ILE B 123 27.20 -5.34 17.84
CA ILE B 123 27.45 -4.50 16.66
C ILE B 123 26.59 -3.24 16.72
N ALA B 124 25.32 -3.41 17.08
CA ALA B 124 24.42 -2.27 17.19
C ALA B 124 24.91 -1.28 18.22
N GLY B 125 25.38 -1.78 19.35
CA GLY B 125 25.87 -0.91 20.41
C GLY B 125 27.14 -0.18 20.05
N LYS B 126 28.05 -0.86 19.37
CA LYS B 126 29.25 -0.25 18.88
C LYS B 126 29.04 0.78 17.76
N MSE B 127 28.03 0.58 16.91
CA MSE B 127 27.75 1.51 15.81
C MSE B 127 26.99 2.73 16.25
O MSE B 127 26.95 3.73 15.55
CB MSE B 127 26.93 0.86 14.71
CG MSE B 127 27.63 -0.31 14.11
SE MSE B 127 29.24 0.28 13.18
CE MSE B 127 30.69 -0.08 14.32
N THR B 128 26.37 2.67 17.42
CA THR B 128 25.57 3.78 17.96
C THR B 128 26.22 4.27 19.28
N LYS C 7 38.24 0.78 -2.58
CA LYS C 7 37.01 -0.01 -2.26
C LYS C 7 35.74 0.71 -2.75
N LYS C 8 35.00 0.06 -3.61
CA LYS C 8 33.78 0.59 -4.13
C LYS C 8 32.63 0.02 -3.27
N SER C 9 31.44 0.57 -3.45
CA SER C 9 30.27 0.17 -2.65
C SER C 9 29.00 0.14 -3.49
N VAL C 10 28.11 -0.79 -3.15
CA VAL C 10 26.85 -0.97 -3.87
C VAL C 10 25.75 -0.99 -2.83
N SER C 11 24.67 -0.30 -3.14
CA SER C 11 23.45 -0.34 -2.33
C SER C 11 22.30 -0.94 -3.15
N MSE C 12 21.50 -1.76 -2.53
CA MSE C 12 20.31 -2.32 -3.14
C MSE C 12 19.08 -1.94 -2.32
O MSE C 12 19.02 -2.15 -1.09
CB MSE C 12 20.45 -3.81 -3.20
CG MSE C 12 19.23 -4.55 -3.75
SE MSE C 12 19.67 -6.50 -3.97
CE MSE C 12 20.79 -6.32 -5.56
N ILE C 13 18.06 -1.43 -3.01
CA ILE C 13 16.79 -1.11 -2.37
C ILE C 13 15.72 -2.07 -2.88
N LEU C 14 15.04 -2.71 -1.92
CA LEU C 14 13.96 -3.68 -2.22
C LEU C 14 12.57 -3.26 -1.70
N ASP C 15 11.56 -3.66 -2.46
CA ASP C 15 10.14 -3.41 -2.16
C ASP C 15 9.61 -4.68 -1.46
N ILE C 16 9.42 -4.58 -0.13
CA ILE C 16 9.05 -5.72 0.72
C ILE C 16 7.59 -5.65 1.18
N GLU C 17 6.82 -4.74 0.63
CA GLU C 17 5.42 -4.78 0.96
C GLU C 17 4.78 -6.07 0.41
N GLY C 18 4.03 -6.78 1.24
CA GLY C 18 3.35 -7.98 0.75
C GLY C 18 4.36 -9.10 0.56
N THR C 19 4.10 -10.00 -0.37
CA THR C 19 4.97 -11.18 -0.56
C THR C 19 5.25 -11.49 -2.05
N ASN C 20 4.65 -10.73 -2.95
CA ASN C 20 4.78 -11.01 -4.38
C ASN C 20 6.22 -10.88 -4.93
N ASN C 21 7.05 -10.09 -4.27
CA ASN C 21 8.44 -9.91 -4.68
C ASN C 21 9.44 -10.85 -3.99
N GLU C 22 8.95 -11.80 -3.18
CA GLU C 22 9.86 -12.60 -2.38
C GLU C 22 10.94 -13.32 -3.22
N ALA C 23 10.52 -14.03 -4.26
CA ALA C 23 11.45 -14.78 -5.12
C ALA C 23 12.46 -13.85 -5.82
N MSE C 24 11.97 -12.82 -6.46
CA MSE C 24 12.84 -11.85 -7.13
C MSE C 24 13.81 -11.23 -6.15
O MSE C 24 14.99 -11.06 -6.47
CB MSE C 24 11.97 -10.78 -7.73
CG MSE C 24 12.80 -9.82 -8.56
SE MSE C 24 11.66 -8.43 -9.38
CE MSE C 24 10.71 -7.84 -7.76
N ASN C 25 13.33 -10.90 -4.96
CA ASN C 25 14.17 -10.28 -3.93
C ASN C 25 15.29 -11.19 -3.49
N ASN C 26 14.96 -12.46 -3.27
CA ASN C 26 15.96 -13.42 -2.83
C ASN C 26 17.03 -13.56 -3.87
N SER C 27 16.64 -13.61 -5.13
CA SER C 27 17.57 -13.79 -6.23
C SER C 27 18.45 -12.56 -6.43
N ALA C 28 17.87 -11.36 -6.31
CA ALA C 28 18.66 -10.16 -6.32
C ALA C 28 19.73 -10.13 -5.20
N LEU C 29 19.30 -10.44 -3.98
CA LEU C 29 20.21 -10.45 -2.87
C LEU C 29 21.32 -11.54 -3.06
N LEU C 30 20.97 -12.67 -3.65
CA LEU C 30 21.98 -13.70 -3.98
C LEU C 30 22.99 -13.18 -4.98
N ALA C 31 22.53 -12.50 -6.02
CA ALA C 31 23.41 -11.93 -7.06
C ALA C 31 24.37 -10.91 -6.43
N LEU C 32 23.86 -10.06 -5.53
CA LEU C 32 24.73 -9.12 -4.80
C LEU C 32 25.75 -9.85 -3.93
N ASN C 33 25.32 -10.89 -3.27
CA ASN C 33 26.21 -11.68 -2.43
C ASN C 33 27.33 -12.36 -3.25
N ASN C 34 26.98 -12.84 -4.45
CA ASN C 34 27.94 -13.48 -5.35
C ASN C 34 28.92 -12.48 -5.94
N ALA C 35 28.46 -11.29 -6.32
CA ALA C 35 29.37 -10.24 -6.72
C ALA C 35 30.42 -9.91 -5.64
N GLN C 36 29.94 -9.67 -4.42
CA GLN C 36 30.79 -9.30 -3.30
C GLN C 36 31.90 -10.33 -3.06
N LYS C 37 31.58 -11.60 -3.19
CA LYS C 37 32.55 -12.70 -3.03
C LYS C 37 33.67 -12.62 -4.05
N LYS C 38 33.37 -12.19 -5.26
CA LYS C 38 34.38 -12.10 -6.30
C LYS C 38 35.14 -10.80 -6.26
N LEU C 39 34.52 -9.73 -5.78
CA LEU C 39 35.07 -8.41 -5.94
C LEU C 39 35.47 -7.88 -4.56
N ASN C 40 36.18 -6.78 -4.52
CA ASN C 40 36.43 -6.13 -3.22
C ASN C 40 35.49 -4.99 -2.99
N ILE C 41 34.25 -5.31 -2.56
CA ILE C 41 33.21 -4.27 -2.38
C ILE C 41 32.47 -4.30 -1.04
N ASP C 42 32.01 -3.13 -0.62
CA ASP C 42 31.09 -3.00 0.51
C ASP C 42 29.70 -3.06 -0.04
N THR C 43 28.74 -3.60 0.71
CA THR C 43 27.37 -3.60 0.27
C THR C 43 26.44 -3.08 1.37
N ASN C 44 25.29 -2.61 0.93
CA ASN C 44 24.22 -2.06 1.79
C ASN C 44 22.90 -2.51 1.22
N LYS C 45 21.95 -2.78 2.10
CA LYS C 45 20.59 -3.10 1.68
C LYS C 45 19.60 -2.23 2.44
N VAL C 46 18.60 -1.75 1.73
CA VAL C 46 17.47 -1.06 2.31
C VAL C 46 16.21 -1.79 1.86
N GLU C 47 15.31 -2.03 2.79
CA GLU C 47 14.03 -2.70 2.57
C GLU C 47 12.91 -1.71 2.90
N SER C 48 12.07 -1.39 1.93
CA SER C 48 10.96 -0.48 2.19
C SER C 48 9.63 -1.10 1.88
N ASP C 49 8.66 -0.84 2.77
CA ASP C 49 7.30 -1.29 2.55
C ASP C 49 6.38 -0.13 2.17
N ASP C 50 6.97 1.01 1.80
CA ASP C 50 6.23 2.26 1.70
C ASP C 50 6.53 2.89 0.35
N SER C 51 5.73 2.49 -0.65
CA SER C 51 5.86 2.97 -2.03
C SER C 51 5.72 4.45 -2.23
N SER C 52 5.08 5.15 -1.27
CA SER C 52 4.93 6.59 -1.36
C SER C 52 6.15 7.37 -0.90
N THR C 53 7.19 6.71 -0.40
CA THR C 53 8.42 7.42 -0.07
C THR C 53 9.67 6.81 -0.74
N PHE C 54 9.46 6.00 -1.78
CA PHE C 54 10.59 5.36 -2.49
C PHE C 54 11.56 6.43 -2.99
N SER C 55 11.06 7.56 -3.51
CA SER C 55 11.90 8.64 -4.05
C SER C 55 12.82 9.23 -2.98
N ASN C 56 12.32 9.35 -1.75
CA ASN C 56 13.08 9.87 -0.64
C ASN C 56 14.17 8.90 -0.25
N SER C 57 13.84 7.60 -0.22
CA SER C 57 14.83 6.56 0.09
C SER C 57 15.97 6.51 -0.92
N ILE C 58 15.66 6.62 -2.23
CA ILE C 58 16.65 6.62 -3.28
C ILE C 58 17.51 7.91 -3.19
N ASP C 59 16.86 9.04 -2.93
CA ASP C 59 17.61 10.29 -2.77
C ASP C 59 18.65 10.23 -1.65
N ILE C 60 18.28 9.69 -0.51
CA ILE C 60 19.19 9.43 0.61
C ILE C 60 20.41 8.64 0.14
N LEU C 61 20.18 7.55 -0.62
CA LEU C 61 21.29 6.73 -1.12
C LEU C 61 22.22 7.49 -2.11
N CYS C 62 21.67 8.45 -2.86
CA CYS C 62 22.49 9.33 -3.71
C CYS C 62 23.40 10.27 -2.94
N ASN C 63 23.17 10.38 -1.64
CA ASN C 63 23.99 11.22 -0.75
C ASN C 63 24.84 10.40 0.22
N ASP C 64 24.95 9.09 -0.04
CA ASP C 64 25.63 8.16 0.86
C ASP C 64 26.86 7.51 0.23
N ASN C 65 27.36 8.10 -0.86
N ASN C 65 27.34 8.10 -0.87
CA ASN C 65 28.60 7.67 -1.55
CA ASN C 65 28.56 7.69 -1.55
C ASN C 65 28.59 6.20 -2.01
C ASN C 65 28.59 6.22 -2.03
N TYR C 66 27.58 5.84 -2.80
CA TYR C 66 27.51 4.49 -3.43
C TYR C 66 27.85 4.56 -4.91
N ASP C 67 28.73 3.66 -5.38
CA ASP C 67 29.13 3.60 -6.78
C ASP C 67 28.01 3.09 -7.66
N LEU C 68 27.14 2.29 -7.06
CA LEU C 68 25.99 1.81 -7.78
C LEU C 68 24.80 1.63 -6.85
N ILE C 69 23.63 2.08 -7.29
CA ILE C 69 22.41 1.91 -6.52
C ILE C 69 21.46 1.03 -7.35
N ILE C 70 21.02 -0.08 -6.76
CA ILE C 70 20.15 -1.04 -7.50
C ILE C 70 18.79 -1.12 -6.93
N ALA C 71 17.75 -0.89 -7.75
CA ALA C 71 16.38 -0.88 -7.30
C ALA C 71 15.74 -2.16 -7.82
N VAL C 72 15.08 -2.89 -6.95
CA VAL C 72 14.54 -4.21 -7.35
C VAL C 72 13.02 -4.08 -7.53
N GLY C 73 12.57 -4.11 -8.77
CA GLY C 73 11.14 -4.18 -9.09
C GLY C 73 10.64 -2.97 -9.84
N ALA C 74 9.57 -3.20 -10.59
CA ALA C 74 8.98 -2.18 -11.45
C ALA C 74 8.32 -1.06 -10.68
N ARG C 75 7.97 -1.28 -9.41
CA ARG C 75 7.35 -0.19 -8.64
C ARG C 75 8.35 0.93 -8.38
N PHE C 76 9.64 0.67 -8.54
CA PHE C 76 10.65 1.74 -8.47
C PHE C 76 10.79 2.60 -9.74
N ALA C 77 10.14 2.23 -10.84
CA ALA C 77 10.40 2.87 -12.10
C ALA C 77 10.26 4.40 -12.06
N LYS C 78 9.12 4.90 -11.65
CA LYS C 78 8.92 6.36 -11.59
C LYS C 78 9.78 7.11 -10.54
N PRO C 79 9.85 6.65 -9.28
CA PRO C 79 10.72 7.42 -8.32
C PRO C 79 12.18 7.41 -8.73
N LEU C 80 12.65 6.30 -9.34
CA LEU C 80 14.01 6.16 -9.75
C LEU C 80 14.27 7.12 -10.88
N GLU C 81 13.39 7.20 -11.86
CA GLU C 81 13.67 8.08 -13.00
C GLU C 81 13.75 9.58 -12.55
N MSE C 82 12.88 9.93 -11.61
CA MSE C 82 12.83 11.28 -11.06
C MSE C 82 14.13 11.65 -10.35
O MSE C 82 14.69 12.72 -10.58
CB MSE C 82 11.66 11.31 -10.10
CG MSE C 82 11.54 12.65 -9.38
SE MSE C 82 9.97 12.69 -8.18
CE MSE C 82 8.60 12.52 -9.60
N VAL C 83 14.60 10.77 -9.48
CA VAL C 83 15.79 11.01 -8.70
C VAL C 83 17.06 10.98 -9.58
N ALA C 84 17.13 10.03 -10.51
CA ALA C 84 18.29 9.84 -11.35
C ALA C 84 18.64 11.10 -12.19
N LYS C 85 17.60 11.82 -12.60
CA LYS C 85 17.74 13.11 -13.30
C LYS C 85 18.55 14.13 -12.53
N LYS C 86 18.51 14.04 -11.21
CA LYS C 86 19.07 15.04 -10.34
C LYS C 86 20.45 14.68 -9.86
N TYR C 87 20.92 13.46 -10.21
CA TYR C 87 22.27 13.01 -9.89
C TYR C 87 22.86 12.35 -11.16
N PRO C 88 23.22 13.18 -12.16
CA PRO C 88 23.59 12.67 -13.49
C PRO C 88 24.78 11.77 -13.51
N LYS C 89 25.69 11.89 -12.53
CA LYS C 89 26.86 11.07 -12.43
C LYS C 89 26.66 9.81 -11.58
N GLN C 90 25.55 9.70 -10.86
CA GLN C 90 25.23 8.53 -10.06
C GLN C 90 24.78 7.39 -10.99
N GLN C 91 25.38 6.22 -10.83
CA GLN C 91 25.03 5.02 -11.58
C GLN C 91 23.92 4.23 -10.85
N PHE C 92 22.88 3.88 -11.60
CA PHE C 92 21.71 3.15 -11.10
C PHE C 92 21.45 1.89 -11.93
N ALA C 93 20.78 0.91 -11.33
CA ALA C 93 20.26 -0.25 -12.07
C ALA C 93 18.86 -0.53 -11.54
N ILE C 94 17.98 -1.03 -12.42
CA ILE C 94 16.63 -1.41 -12.01
C ILE C 94 16.35 -2.82 -12.50
N ILE C 95 15.82 -3.66 -11.61
CA ILE C 95 15.54 -5.04 -11.96
C ILE C 95 14.06 -5.17 -12.36
N ASP C 96 13.83 -5.88 -13.45
CA ASP C 96 12.43 -6.21 -13.91
C ASP C 96 11.67 -5.02 -14.43
N TYR C 97 12.38 -4.10 -15.08
CA TYR C 97 11.75 -2.94 -15.73
C TYR C 97 12.66 -2.35 -16.74
N GLU C 98 12.09 -2.00 -17.90
CA GLU C 98 12.81 -1.36 -18.98
C GLU C 98 12.06 -0.10 -19.42
N TYR C 99 12.74 1.01 -19.50
CA TYR C 99 12.10 2.28 -19.87
C TYR C 99 11.91 2.34 -21.38
N ASP C 100 10.90 3.07 -21.84
CA ASP C 100 10.74 3.34 -23.27
C ASP C 100 11.93 4.10 -23.82
N LYS C 101 12.33 5.17 -23.15
CA LYS C 101 13.54 5.92 -23.51
C LYS C 101 14.47 5.82 -22.28
N GLN C 102 15.47 4.97 -22.40
CA GLN C 102 16.27 4.55 -21.24
C GLN C 102 17.17 5.72 -20.77
N PRO C 103 16.98 6.18 -19.52
CA PRO C 103 17.89 7.22 -19.01
C PRO C 103 19.36 6.76 -19.02
N SER C 104 20.25 7.71 -19.29
CA SER C 104 21.64 7.39 -19.59
C SER C 104 22.36 6.81 -18.37
N ASN C 105 21.91 7.12 -17.16
CA ASN C 105 22.56 6.57 -15.94
C ASN C 105 21.77 5.43 -15.29
N ILE C 106 20.79 4.88 -16.02
CA ILE C 106 20.08 3.70 -15.52
C ILE C 106 20.24 2.50 -16.45
N THR C 107 20.72 1.39 -15.90
CA THR C 107 20.76 0.11 -16.66
C THR C 107 19.58 -0.78 -16.25
N SER C 108 18.88 -1.31 -17.22
CA SER C 108 17.74 -2.18 -16.92
C SER C 108 18.17 -3.64 -17.01
N ILE C 109 17.69 -4.47 -16.08
CA ILE C 109 18.01 -5.90 -16.04
C ILE C 109 16.66 -6.66 -15.93
N SER C 110 16.45 -7.56 -16.86
CA SER C 110 15.21 -8.38 -16.87
C SER C 110 15.12 -9.32 -15.64
N TYR C 111 13.91 -9.91 -15.45
CA TYR C 111 13.67 -10.88 -14.36
C TYR C 111 14.62 -12.08 -14.52
N GLU C 112 14.83 -12.48 -15.77
CA GLU C 112 15.65 -13.65 -16.10
C GLU C 112 17.14 -13.36 -15.80
N ASP C 113 17.63 -12.23 -16.29
CA ASP C 113 19.00 -11.84 -16.07
C ASP C 113 19.31 -11.64 -14.54
N ASN C 114 18.29 -11.34 -13.73
CA ASN C 114 18.46 -11.31 -12.27
C ASN C 114 18.89 -12.66 -11.65
N LYS C 115 18.31 -13.75 -12.17
CA LYS C 115 18.60 -15.12 -11.73
C LYS C 115 19.78 -15.80 -12.46
N SER C 116 20.12 -15.32 -13.67
CA SER C 116 21.06 -16.00 -14.57
C SER C 116 22.56 -15.83 -14.31
N GLY C 117 22.99 -14.99 -13.34
CA GLY C 117 24.42 -14.62 -13.23
C GLY C 117 24.71 -13.27 -13.86
N TYR C 118 23.82 -12.80 -14.73
CA TYR C 118 24.01 -11.52 -15.44
C TYR C 118 24.19 -10.35 -14.49
N LEU C 119 23.39 -10.29 -13.46
CA LEU C 119 23.46 -9.13 -12.56
C LEU C 119 24.79 -9.08 -11.79
N ALA C 120 25.29 -10.23 -11.37
CA ALA C 120 26.57 -10.27 -10.64
C ALA C 120 27.68 -9.80 -11.59
N GLY C 121 27.53 -10.11 -12.88
CA GLY C 121 28.55 -9.76 -13.90
C GLY C 121 28.51 -8.28 -14.16
N LEU C 122 27.30 -7.77 -14.29
CA LEU C 122 27.11 -6.36 -14.52
C LEU C 122 27.70 -5.56 -13.38
N ILE C 123 27.44 -6.01 -12.14
CA ILE C 123 28.04 -5.33 -10.97
C ILE C 123 29.56 -5.39 -11.04
N ALA C 124 30.10 -6.53 -11.36
CA ALA C 124 31.55 -6.65 -11.53
C ALA C 124 32.12 -5.73 -12.62
N GLY C 125 31.46 -5.69 -13.77
CA GLY C 125 31.90 -4.81 -14.86
C GLY C 125 31.81 -3.33 -14.50
N LYS C 126 30.76 -2.94 -13.77
CA LYS C 126 30.65 -1.52 -13.34
C LYS C 126 31.63 -1.09 -12.27
N MSE C 127 32.13 -2.03 -11.46
CA MSE C 127 33.06 -1.66 -10.37
C MSE C 127 34.47 -1.75 -10.84
O MSE C 127 35.37 -1.39 -10.13
CB MSE C 127 32.94 -2.64 -9.21
CG MSE C 127 31.54 -2.73 -8.67
SE MSE C 127 31.05 -1.14 -7.71
CE MSE C 127 29.98 -0.35 -9.11
N THR C 128 34.68 -2.27 -12.04
CA THR C 128 36.01 -2.33 -12.64
C THR C 128 36.00 -1.56 -13.97
N LYS D 7 -7.15 32.78 -11.99
CA LYS D 7 -7.35 31.35 -12.42
C LYS D 7 -8.73 31.15 -13.06
N LYS D 8 -8.80 30.34 -14.09
CA LYS D 8 -10.08 30.04 -14.72
C LYS D 8 -10.97 29.12 -13.87
N SER D 9 -12.28 29.30 -13.98
CA SER D 9 -13.24 28.49 -13.22
C SER D 9 -14.45 28.03 -14.08
N VAL D 10 -14.99 26.88 -13.72
CA VAL D 10 -16.13 26.28 -14.41
C VAL D 10 -17.17 25.88 -13.38
N SER D 11 -18.43 26.24 -13.60
CA SER D 11 -19.52 25.80 -12.81
C SER D 11 -20.45 24.90 -13.65
N MSE D 12 -21.08 23.92 -13.00
CA MSE D 12 -21.96 22.99 -13.66
C MSE D 12 -23.21 22.85 -12.84
O MSE D 12 -23.16 22.68 -11.63
CB MSE D 12 -21.30 21.61 -13.82
CG MSE D 12 -22.21 20.49 -14.34
SE MSE D 12 -21.18 18.82 -14.67
CE MSE D 12 -20.09 19.28 -16.23
N ILE D 13 -24.37 22.96 -13.49
CA ILE D 13 -25.64 22.87 -12.82
C ILE D 13 -26.38 21.67 -13.39
N LEU D 14 -26.89 20.85 -12.50
CA LEU D 14 -27.53 19.58 -12.87
C LEU D 14 -28.95 19.51 -12.29
N ASP D 15 -29.80 18.77 -12.99
CA ASP D 15 -31.20 18.56 -12.67
C ASP D 15 -31.35 17.15 -12.09
N ILE D 16 -31.67 17.09 -10.81
CA ILE D 16 -31.68 15.81 -10.03
C ILE D 16 -33.09 15.46 -9.58
N GLU D 17 -34.07 16.00 -10.25
CA GLU D 17 -35.44 15.58 -10.06
C GLU D 17 -35.59 14.22 -10.74
N GLY D 18 -35.98 13.20 -9.98
CA GLY D 18 -36.24 11.88 -10.54
C GLY D 18 -34.94 11.10 -10.64
N THR D 19 -34.88 10.17 -11.58
CA THR D 19 -33.68 9.36 -11.76
C THR D 19 -33.33 9.20 -13.23
N ASN D 20 -34.10 9.83 -14.11
CA ASN D 20 -33.88 9.71 -15.52
C ASN D 20 -32.52 10.29 -15.98
N ASN D 21 -31.95 11.19 -15.18
CA ASN D 21 -30.71 11.87 -15.59
C ASN D 21 -29.49 11.29 -14.96
N GLU D 22 -29.70 10.25 -14.16
CA GLU D 22 -28.64 9.73 -13.35
C GLU D 22 -27.34 9.47 -14.14
N ALA D 23 -27.45 8.76 -15.27
CA ALA D 23 -26.29 8.41 -16.09
C ALA D 23 -25.65 9.65 -16.71
N MSE D 24 -26.45 10.47 -17.38
CA MSE D 24 -25.96 11.71 -18.01
C MSE D 24 -25.25 12.59 -17.02
O MSE D 24 -24.21 13.12 -17.33
CB MSE D 24 -27.13 12.42 -18.64
CG MSE D 24 -26.72 13.72 -19.32
SE MSE D 24 -28.30 14.64 -20.08
CE MSE D 24 -29.35 14.82 -18.45
N ASN D 25 -25.82 12.74 -15.83
CA ASN D 25 -25.22 13.53 -14.75
C ASN D 25 -23.90 12.98 -14.27
N ASN D 26 -23.83 11.66 -14.15
CA ASN D 26 -22.62 10.98 -13.68
C ASN D 26 -21.50 11.18 -14.70
N SER D 27 -21.86 11.10 -15.99
CA SER D 27 -20.89 11.33 -17.06
C SER D 27 -20.38 12.76 -17.09
N ALA D 28 -21.32 13.70 -16.91
CA ALA D 28 -20.95 15.10 -16.97
C ALA D 28 -20.02 15.49 -15.81
N LEU D 29 -20.33 15.02 -14.63
CA LEU D 29 -19.47 15.19 -13.47
C LEU D 29 -18.08 14.57 -13.66
N LEU D 30 -18.06 13.38 -14.23
CA LEU D 30 -16.81 12.69 -14.49
C LEU D 30 -15.94 13.49 -15.49
N ALA D 31 -16.57 14.01 -16.55
CA ALA D 31 -15.85 14.83 -17.55
C ALA D 31 -15.25 16.08 -16.90
N LEU D 32 -16.02 16.74 -16.04
CA LEU D 32 -15.55 17.90 -15.29
C LEU D 32 -14.34 17.55 -14.40
N ASN D 33 -14.46 16.46 -13.64
CA ASN D 33 -13.38 15.93 -12.84
C ASN D 33 -12.12 15.66 -13.65
N ASN D 34 -12.28 15.01 -14.80
CA ASN D 34 -11.12 14.69 -15.66
C ASN D 34 -10.47 15.93 -16.27
N ALA D 35 -11.30 16.91 -16.63
CA ALA D 35 -10.77 18.18 -17.13
C ALA D 35 -9.92 18.90 -16.11
N GLN D 36 -10.40 18.97 -14.85
CA GLN D 36 -9.63 19.65 -13.82
C GLN D 36 -8.34 18.92 -13.48
N LYS D 37 -8.27 17.61 -13.71
CA LYS D 37 -6.97 16.88 -13.52
C LYS D 37 -5.91 17.36 -14.50
N LYS D 38 -6.35 17.67 -15.70
CA LYS D 38 -5.49 18.11 -16.76
C LYS D 38 -5.22 19.60 -16.68
N LEU D 39 -6.22 20.41 -16.39
CA LEU D 39 -6.13 21.88 -16.44
C LEU D 39 -5.91 22.47 -15.06
N ASN D 40 -5.42 23.68 -15.02
CA ASN D 40 -5.30 24.36 -13.72
C ASN D 40 -6.54 25.23 -13.52
N ILE D 41 -7.63 24.61 -12.99
CA ILE D 41 -8.91 25.30 -12.84
C ILE D 41 -9.63 25.07 -11.48
N ASP D 42 -10.48 26.02 -11.08
CA ASP D 42 -11.43 25.84 -10.02
C ASP D 42 -12.77 25.35 -10.56
N THR D 43 -13.48 24.53 -9.78
CA THR D 43 -14.80 24.05 -10.27
C THR D 43 -15.84 24.18 -9.18
N ASN D 44 -17.09 24.17 -9.61
CA ASN D 44 -18.21 24.37 -8.73
C ASN D 44 -19.34 23.53 -9.30
N LYS D 45 -20.12 22.92 -8.44
CA LYS D 45 -21.26 22.15 -8.88
C LYS D 45 -22.55 22.57 -8.11
N VAL D 46 -23.68 22.66 -8.81
CA VAL D 46 -24.98 22.94 -8.18
C VAL D 46 -25.95 21.90 -8.69
N GLU D 47 -26.78 21.42 -7.78
CA GLU D 47 -27.83 20.44 -8.09
C GLU D 47 -29.18 21.00 -7.69
N SER D 48 -30.18 20.91 -8.58
CA SER D 48 -31.51 21.37 -8.24
C SER D 48 -32.54 20.31 -8.61
N ASP D 49 -33.50 20.09 -7.73
CA ASP D 49 -34.63 19.22 -8.06
C ASP D 49 -35.93 20.03 -8.36
N ASP D 50 -35.82 21.36 -8.40
CA ASP D 50 -36.97 22.20 -8.66
C ASP D 50 -36.81 23.00 -9.92
N SER D 51 -37.37 22.50 -11.03
CA SER D 51 -37.28 23.21 -12.33
C SER D 51 -37.85 24.65 -12.33
N SER D 52 -38.78 24.93 -11.42
CA SER D 52 -39.40 26.24 -11.35
C SER D 52 -38.39 27.34 -11.00
N THR D 53 -37.27 26.98 -10.41
CA THR D 53 -36.27 28.00 -10.02
C THR D 53 -34.92 27.84 -10.78
N PHE D 54 -34.93 27.10 -11.90
CA PHE D 54 -33.71 26.91 -12.69
C PHE D 54 -33.19 28.25 -13.16
N SER D 55 -34.07 29.12 -13.64
CA SER D 55 -33.65 30.42 -14.16
C SER D 55 -32.98 31.23 -13.08
N ASN D 56 -33.56 31.24 -11.88
CA ASN D 56 -32.92 31.92 -10.75
C ASN D 56 -31.56 31.33 -10.39
N SER D 57 -31.48 30.01 -10.38
CA SER D 57 -30.21 29.33 -10.10
C SER D 57 -29.08 29.66 -11.12
N ILE D 58 -29.41 29.73 -12.42
CA ILE D 58 -28.44 30.13 -13.42
C ILE D 58 -28.07 31.61 -13.27
N ASP D 59 -29.06 32.47 -13.00
CA ASP D 59 -28.80 33.88 -12.78
C ASP D 59 -27.82 34.12 -11.63
N ILE D 60 -28.00 33.41 -10.52
CA ILE D 60 -27.02 33.47 -9.41
C ILE D 60 -25.57 33.11 -9.88
N LEU D 61 -25.42 32.02 -10.68
CA LEU D 61 -24.12 31.63 -11.20
C LEU D 61 -23.50 32.73 -12.15
N CYS D 62 -24.34 33.46 -12.86
CA CYS D 62 -23.91 34.55 -13.73
C CYS D 62 -23.38 35.75 -12.98
N ASN D 63 -23.68 35.81 -11.68
CA ASN D 63 -23.18 36.83 -10.81
C ASN D 63 -22.00 36.40 -9.99
N ASP D 64 -21.48 35.18 -10.25
N ASP D 64 -21.46 35.24 -10.28
CA ASP D 64 -20.38 34.50 -9.48
CA ASP D 64 -20.16 34.92 -9.79
C ASP D 64 -19.02 34.32 -10.23
C ASP D 64 -19.24 35.33 -10.94
N ASN D 65 -18.86 34.94 -11.40
N ASN D 65 -18.12 34.64 -11.07
CA ASN D 65 -17.56 35.05 -12.08
CA ASN D 65 -17.10 34.99 -12.05
C ASN D 65 -16.89 33.70 -12.48
C ASN D 65 -16.68 33.74 -12.80
N TYR D 66 -17.64 32.93 -13.27
CA TYR D 66 -17.22 31.68 -13.90
C TYR D 66 -16.89 31.98 -15.37
N ASP D 67 -15.81 31.40 -15.85
CA ASP D 67 -15.44 31.47 -17.24
C ASP D 67 -16.39 30.63 -18.08
N LEU D 68 -16.97 29.61 -17.48
CA LEU D 68 -17.94 28.76 -18.20
C LEU D 68 -18.94 28.16 -17.23
N ILE D 69 -20.21 28.20 -17.64
CA ILE D 69 -21.31 27.59 -16.92
C ILE D 69 -21.91 26.53 -17.83
N ILE D 70 -21.96 25.30 -17.36
CA ILE D 70 -22.46 24.15 -18.11
C ILE D 70 -23.76 23.72 -17.46
N ALA D 71 -24.84 23.69 -18.24
CA ALA D 71 -26.14 23.17 -17.79
C ALA D 71 -26.33 21.78 -18.33
N VAL D 72 -26.77 20.85 -17.48
CA VAL D 72 -26.91 19.46 -17.90
C VAL D 72 -28.36 19.01 -18.14
N GLY D 73 -28.73 18.88 -19.41
CA GLY D 73 -30.08 18.41 -19.77
C GLY D 73 -31.01 19.43 -20.40
N ALA D 74 -31.94 18.91 -21.23
CA ALA D 74 -32.87 19.71 -22.02
C ALA D 74 -33.81 20.59 -21.20
N ARG D 75 -34.04 20.24 -19.96
CA ARG D 75 -34.91 21.04 -19.09
C ARG D 75 -34.27 22.40 -18.71
N PHE D 76 -33.00 22.57 -19.03
CA PHE D 76 -32.38 23.85 -18.82
C PHE D 76 -32.47 24.76 -20.10
N ALA D 77 -32.92 24.22 -21.23
CA ALA D 77 -32.80 24.95 -22.50
C ALA D 77 -33.57 26.25 -22.46
N LYS D 78 -34.78 26.23 -21.93
CA LYS D 78 -35.59 27.46 -21.87
C LYS D 78 -35.05 28.49 -20.84
N PRO D 79 -34.85 28.10 -19.56
CA PRO D 79 -34.31 29.12 -18.68
C PRO D 79 -32.90 29.62 -19.09
N LEU D 80 -32.09 28.73 -19.69
CA LEU D 80 -30.75 29.12 -20.16
C LEU D 80 -30.82 30.17 -21.28
N GLU D 81 -31.69 29.97 -22.26
CA GLU D 81 -31.84 30.93 -23.35
C GLU D 81 -32.22 32.34 -22.84
N MSE D 82 -33.18 32.40 -21.92
N MSE D 82 -33.17 32.42 -21.91
CA MSE D 82 -33.61 33.65 -21.25
CA MSE D 82 -33.56 33.70 -21.28
C MSE D 82 -32.50 34.33 -20.46
C MSE D 82 -32.46 34.34 -20.48
O MSE D 82 -32.27 35.53 -20.57
O MSE D 82 -32.19 35.54 -20.64
CB MSE D 82 -34.79 33.29 -20.33
CB MSE D 82 -34.74 33.47 -20.33
CG MSE D 82 -35.65 34.48 -19.87
CG MSE D 82 -35.30 34.79 -19.80
SE MSE D 82 -36.86 34.05 -18.31
SE MSE D 82 -34.62 35.33 -18.00
CE MSE D 82 -38.04 32.69 -19.14
CE MSE D 82 -35.75 34.18 -16.86
N VAL D 83 -31.79 33.58 -19.61
CA VAL D 83 -30.74 34.15 -18.77
C VAL D 83 -29.55 34.61 -19.62
N ALA D 84 -29.20 33.84 -20.65
CA ALA D 84 -28.03 34.19 -21.43
C ALA D 84 -28.09 35.53 -22.16
N LYS D 85 -29.30 36.02 -22.47
CA LYS D 85 -29.50 37.35 -23.06
C LYS D 85 -29.18 38.45 -22.11
N LYS D 86 -29.37 38.21 -20.80
CA LYS D 86 -29.07 39.17 -19.75
C LYS D 86 -27.58 39.26 -19.40
N TYR D 87 -26.83 38.24 -19.78
CA TYR D 87 -25.38 38.17 -19.54
C TYR D 87 -24.68 37.81 -20.84
N PRO D 88 -24.67 38.77 -21.81
CA PRO D 88 -24.10 38.48 -23.13
C PRO D 88 -22.59 38.13 -23.13
N LYS D 89 -21.83 38.54 -22.10
CA LYS D 89 -20.42 38.21 -22.01
C LYS D 89 -20.16 36.82 -21.45
N GLN D 90 -21.14 36.24 -20.74
CA GLN D 90 -20.93 34.96 -20.08
C GLN D 90 -21.00 33.84 -21.09
N GLN D 91 -20.01 32.94 -21.02
CA GLN D 91 -20.00 31.74 -21.86
C GLN D 91 -20.72 30.58 -21.18
N PHE D 92 -21.55 29.89 -21.95
CA PHE D 92 -22.34 28.80 -21.46
C PHE D 92 -22.21 27.60 -22.38
N ALA D 93 -22.52 26.42 -21.81
CA ALA D 93 -22.68 25.21 -22.58
C ALA D 93 -23.90 24.46 -22.08
N ILE D 94 -24.57 23.74 -22.99
CA ILE D 94 -25.69 22.90 -22.59
C ILE D 94 -25.46 21.52 -23.10
N ILE D 95 -25.68 20.54 -22.23
CA ILE D 95 -25.63 19.12 -22.62
C ILE D 95 -27.02 18.57 -22.97
N ASP D 96 -27.08 17.84 -24.09
CA ASP D 96 -28.31 17.11 -24.59
C ASP D 96 -29.39 18.07 -25.12
N TYR D 97 -28.98 19.20 -25.66
CA TYR D 97 -29.92 20.11 -26.31
C TYR D 97 -29.19 20.96 -27.35
N GLU D 98 -29.77 21.00 -28.54
CA GLU D 98 -29.24 21.82 -29.60
C GLU D 98 -30.31 22.80 -30.06
N TYR D 99 -29.97 24.09 -30.07
CA TYR D 99 -30.89 25.13 -30.48
C TYR D 99 -30.92 25.21 -32.01
N ASP D 100 -32.13 25.32 -32.59
CA ASP D 100 -32.27 25.56 -34.02
C ASP D 100 -31.62 26.88 -34.39
N LYS D 101 -31.82 27.89 -33.56
CA LYS D 101 -31.12 29.17 -33.74
C LYS D 101 -30.18 29.37 -32.54
N GLN D 102 -28.90 29.03 -32.70
CA GLN D 102 -27.99 28.88 -31.54
C GLN D 102 -27.61 30.26 -31.00
N PRO D 103 -27.94 30.56 -29.75
CA PRO D 103 -27.42 31.85 -29.20
C PRO D 103 -25.90 31.87 -29.22
N SER D 104 -25.35 33.02 -29.48
CA SER D 104 -23.93 33.22 -29.72
C SER D 104 -23.05 32.89 -28.50
N ASN D 105 -23.60 32.92 -27.29
CA ASN D 105 -22.80 32.60 -26.12
C ASN D 105 -23.10 31.22 -25.50
N ILE D 106 -23.76 30.35 -26.25
CA ILE D 106 -24.09 28.99 -25.77
C ILE D 106 -23.56 27.98 -26.78
N THR D 107 -22.79 27.01 -26.28
CA THR D 107 -22.28 25.90 -27.07
C THR D 107 -23.08 24.66 -26.70
N SER D 108 -23.54 23.87 -27.68
CA SER D 108 -24.37 22.69 -27.42
C SER D 108 -23.56 21.44 -27.51
N ILE D 109 -23.81 20.47 -26.65
CA ILE D 109 -23.15 19.15 -26.70
C ILE D 109 -24.25 18.10 -26.70
N SER D 110 -24.17 17.18 -27.65
N SER D 110 -24.16 17.18 -27.65
CA SER D 110 -25.11 16.06 -27.77
CA SER D 110 -25.09 16.06 -27.75
C SER D 110 -24.89 15.01 -26.67
C SER D 110 -24.92 15.05 -26.61
N TYR D 111 -25.94 14.22 -26.41
CA TYR D 111 -25.92 13.17 -25.38
C TYR D 111 -24.74 12.22 -25.55
N GLU D 112 -24.50 11.79 -26.79
CA GLU D 112 -23.37 10.86 -27.04
C GLU D 112 -22.00 11.51 -26.75
N ASP D 113 -21.86 12.78 -27.06
CA ASP D 113 -20.61 13.44 -26.83
C ASP D 113 -20.38 13.75 -25.33
N ASN D 114 -21.44 13.75 -24.54
CA ASN D 114 -21.27 13.82 -23.08
C ASN D 114 -20.58 12.52 -22.55
N LYS D 115 -21.06 11.36 -23.05
CA LYS D 115 -20.62 9.99 -22.67
C LYS D 115 -19.18 9.64 -23.10
N SER D 116 -18.72 10.23 -24.20
CA SER D 116 -17.33 10.06 -24.63
C SER D 116 -16.44 11.16 -24.00
N GLY D 117 -15.14 11.11 -24.27
CA GLY D 117 -14.17 12.08 -23.73
C GLY D 117 -14.31 13.42 -24.39
N TYR D 118 -15.36 13.60 -25.21
CA TYR D 118 -15.63 14.84 -25.92
C TYR D 118 -15.80 16.00 -24.98
N LEU D 119 -16.61 15.85 -23.92
CA LEU D 119 -16.86 17.00 -23.05
C LEU D 119 -15.60 17.51 -22.34
N ALA D 120 -14.76 16.58 -21.88
CA ALA D 120 -13.51 16.97 -21.16
C ALA D 120 -12.62 17.73 -22.12
N GLY D 121 -12.65 17.28 -23.38
CA GLY D 121 -11.84 17.90 -24.47
C GLY D 121 -12.30 19.30 -24.73
N LEU D 122 -13.63 19.46 -24.81
CA LEU D 122 -14.25 20.77 -24.98
C LEU D 122 -13.92 21.76 -23.90
N ILE D 123 -13.99 21.30 -22.63
CA ILE D 123 -13.68 22.15 -21.52
C ILE D 123 -12.26 22.62 -21.63
N ALA D 124 -11.35 21.69 -21.90
CA ALA D 124 -9.94 22.04 -22.10
C ALA D 124 -9.78 23.06 -23.23
N GLY D 125 -10.44 22.84 -24.36
CA GLY D 125 -10.42 23.83 -25.45
C GLY D 125 -10.94 25.21 -25.10
N LYS D 126 -12.02 25.29 -24.31
CA LYS D 126 -12.51 26.59 -23.86
C LYS D 126 -11.61 27.26 -22.82
N MSE D 127 -10.87 26.49 -22.03
CA MSE D 127 -10.07 27.10 -20.95
C MSE D 127 -8.68 27.54 -21.39
O MSE D 127 -8.02 28.33 -20.75
CB MSE D 127 -9.90 26.15 -19.76
CG MSE D 127 -11.21 25.74 -19.10
SE MSE D 127 -12.04 27.32 -18.32
CE MSE D 127 -13.55 27.63 -19.50
N THR D 128 -8.24 27.02 -22.52
CA THR D 128 -6.89 27.35 -23.02
C THR D 128 -7.10 28.40 -24.11
N LYS E 7 -17.50 34.47 -3.60
CA LYS E 7 -17.64 33.02 -3.23
C LYS E 7 -16.35 32.51 -2.63
N LYS E 8 -16.46 31.62 -1.67
CA LYS E 8 -15.29 31.08 -0.99
C LYS E 8 -14.73 29.89 -1.76
N SER E 9 -13.43 29.64 -1.60
CA SER E 9 -12.75 28.59 -2.39
C SER E 9 -11.79 27.83 -1.51
N VAL E 10 -11.63 26.55 -1.83
CA VAL E 10 -10.76 25.64 -1.09
C VAL E 10 -9.92 24.87 -2.12
N SER E 11 -8.64 24.78 -1.86
CA SER E 11 -7.73 23.98 -2.66
C SER E 11 -7.17 22.85 -1.84
N MSE E 12 -7.08 21.68 -2.45
CA MSE E 12 -6.47 20.52 -1.83
C MSE E 12 -5.26 20.04 -2.59
O MSE E 12 -5.36 19.81 -3.78
CB MSE E 12 -7.52 19.36 -1.75
CG MSE E 12 -7.01 18.17 -1.04
SE MSE E 12 -8.43 16.82 -0.78
CE MSE E 12 -9.09 17.69 0.79
N ILE E 13 -4.14 19.84 -1.92
CA ILE E 13 -2.95 19.28 -2.53
C ILE E 13 -2.66 17.88 -1.99
N LEU E 14 -2.55 16.91 -2.89
CA LEU E 14 -2.37 15.51 -2.52
C LEU E 14 -0.97 14.98 -3.02
N ASP E 15 -0.42 14.08 -2.25
CA ASP E 15 0.85 13.41 -2.53
C ASP E 15 0.47 12.07 -3.17
N ILE E 16 0.76 11.93 -4.44
CA ILE E 16 0.32 10.73 -5.20
C ILE E 16 1.46 9.79 -5.56
N GLU E 17 2.62 9.96 -4.95
CA GLU E 17 3.65 8.95 -5.19
C GLU E 17 3.18 7.54 -4.75
N GLY E 18 3.51 6.51 -5.52
CA GLY E 18 3.21 5.14 -5.16
C GLY E 18 1.70 4.91 -4.89
N THR E 19 1.37 3.97 -4.04
CA THR E 19 -0.03 3.70 -3.74
C THR E 19 -0.30 3.64 -2.26
N ASN E 20 0.71 3.90 -1.44
CA ASN E 20 0.53 3.84 0.02
C ASN E 20 -0.45 4.92 0.58
N ASN E 21 -0.65 6.03 -0.14
CA ASN E 21 -1.55 7.12 0.30
C ASN E 21 -2.98 7.00 -0.29
N GLU E 22 -3.23 5.94 -1.05
CA GLU E 22 -4.49 5.77 -1.80
C GLU E 22 -5.74 5.90 -0.91
N ALA E 23 -5.80 5.17 0.21
CA ALA E 23 -7.01 5.19 1.05
C ALA E 23 -7.20 6.57 1.66
N MSE E 24 -6.12 7.15 2.14
CA MSE E 24 -6.10 8.50 2.71
C MSE E 24 -6.55 9.51 1.69
O MSE E 24 -7.39 10.35 2.01
CB MSE E 24 -4.72 8.89 3.22
CG MSE E 24 -4.80 10.16 4.05
SE MSE E 24 -3.01 10.72 4.62
CE MSE E 24 -1.88 10.45 3.03
N ASN E 25 -5.99 9.45 0.49
CA ASN E 25 -6.34 10.41 -0.57
C ASN E 25 -7.81 10.30 -0.97
N ASN E 26 -8.29 9.07 -1.10
CA ASN E 26 -9.68 8.85 -1.48
C ASN E 26 -10.64 9.42 -0.42
N SER E 27 -10.30 9.28 0.85
CA SER E 27 -11.09 9.83 1.95
C SER E 27 -11.10 11.32 2.00
N ALA E 28 -9.95 11.93 1.64
CA ALA E 28 -9.84 13.39 1.64
C ALA E 28 -10.67 13.98 0.51
N LEU E 29 -10.61 13.34 -0.64
CA LEU E 29 -11.33 13.77 -1.83
C LEU E 29 -12.85 13.66 -1.57
N LEU E 30 -13.25 12.54 -0.96
CA LEU E 30 -14.65 12.32 -0.58
C LEU E 30 -15.14 13.42 0.40
N ALA E 31 -14.36 13.71 1.45
CA ALA E 31 -14.72 14.75 2.41
C ALA E 31 -14.88 16.10 1.72
N LEU E 32 -13.95 16.45 0.85
CA LEU E 32 -14.08 17.71 0.11
C LEU E 32 -15.34 17.70 -0.80
N ASN E 33 -15.57 16.61 -1.52
CA ASN E 33 -16.79 16.47 -2.32
C ASN E 33 -18.08 16.64 -1.47
N ASN E 34 -18.12 16.01 -0.31
CA ASN E 34 -19.24 16.16 0.63
C ASN E 34 -19.38 17.59 1.13
N ALA E 35 -18.29 18.26 1.42
CA ALA E 35 -18.35 19.62 1.87
C ALA E 35 -18.97 20.51 0.78
N GLN E 36 -18.52 20.33 -0.48
N GLN E 36 -18.54 20.36 -0.48
CA GLN E 36 -19.03 21.10 -1.64
CA GLN E 36 -19.10 21.21 -1.56
C GLN E 36 -20.54 20.89 -1.85
C GLN E 36 -20.56 20.90 -1.88
N LYS E 37 -21.04 19.71 -1.52
CA LYS E 37 -22.45 19.38 -1.70
C LYS E 37 -23.31 20.22 -0.79
N LYS E 38 -22.81 20.60 0.38
CA LYS E 38 -23.63 21.38 1.31
C LYS E 38 -23.30 22.86 1.25
N LEU E 39 -22.07 23.19 0.88
CA LEU E 39 -21.62 24.57 0.97
C LEU E 39 -21.51 25.15 -0.45
N ASN E 40 -21.71 26.45 -0.57
CA ASN E 40 -21.55 27.05 -1.88
C ASN E 40 -20.13 27.48 -2.04
N ILE E 41 -19.26 26.56 -2.49
CA ILE E 41 -17.86 26.90 -2.61
C ILE E 41 -17.31 26.42 -3.93
N ASP E 42 -16.20 27.01 -4.35
CA ASP E 42 -15.44 26.47 -5.50
C ASP E 42 -14.34 25.56 -4.94
N THR E 43 -13.93 24.54 -5.67
CA THR E 43 -12.79 23.75 -5.20
C THR E 43 -11.75 23.57 -6.26
N ASN E 44 -10.58 23.20 -5.84
CA ASN E 44 -9.43 22.99 -6.73
C ASN E 44 -8.62 21.84 -6.11
N LYS E 45 -8.07 20.98 -6.97
CA LYS E 45 -7.16 19.91 -6.56
C LYS E 45 -5.86 19.94 -7.35
N VAL E 46 -4.75 19.77 -6.65
CA VAL E 46 -3.44 19.60 -7.18
C VAL E 46 -2.87 18.26 -6.69
N GLU E 47 -2.28 17.53 -7.60
CA GLU E 47 -1.63 16.26 -7.25
C GLU E 47 -0.18 16.33 -7.66
N SER E 48 0.69 15.79 -6.82
CA SER E 48 2.12 15.80 -7.06
C SER E 48 2.79 14.55 -6.48
N ASP E 49 3.74 14.01 -7.24
CA ASP E 49 4.53 12.88 -6.73
C ASP E 49 5.98 13.30 -6.46
N ASP E 50 6.23 14.60 -6.46
CA ASP E 50 7.58 15.14 -6.32
C ASP E 50 7.73 16.02 -5.09
N SER E 51 8.23 15.40 -4.02
CA SER E 51 8.47 16.01 -2.69
C SER E 51 9.28 17.34 -2.79
N SER E 52 10.28 17.35 -3.66
CA SER E 52 11.17 18.51 -3.79
C SER E 52 10.47 19.78 -4.25
N THR E 53 9.34 19.66 -4.93
CA THR E 53 8.59 20.87 -5.38
C THR E 53 7.30 21.18 -4.55
N PHE E 54 7.07 20.46 -3.47
CA PHE E 54 5.85 20.69 -2.64
C PHE E 54 5.80 22.14 -2.16
N SER E 55 6.92 22.70 -1.74
CA SER E 55 6.90 24.02 -1.12
C SER E 55 6.57 25.05 -2.16
N ASN E 56 7.10 24.88 -3.35
CA ASN E 56 6.79 25.78 -4.47
C ASN E 56 5.34 25.64 -4.91
N SER E 57 4.82 24.44 -4.89
CA SER E 57 3.40 24.25 -5.21
C SER E 57 2.45 24.93 -4.22
N ILE E 58 2.75 24.81 -2.95
CA ILE E 58 1.93 25.42 -1.90
C ILE E 58 2.05 26.94 -1.99
N ASP E 59 3.26 27.43 -2.27
CA ASP E 59 3.49 28.85 -2.48
C ASP E 59 2.65 29.41 -3.61
N ILE E 60 2.51 28.66 -4.69
CA ILE E 60 1.66 29.08 -5.81
C ILE E 60 0.18 29.17 -5.37
N LEU E 61 -0.28 28.17 -4.63
CA LEU E 61 -1.64 28.19 -4.08
C LEU E 61 -1.91 29.41 -3.19
N CYS E 62 -0.88 29.82 -2.43
CA CYS E 62 -0.95 31.00 -1.61
C CYS E 62 -1.10 32.30 -2.41
N ASN E 63 -0.89 32.22 -3.71
CA ASN E 63 -1.09 33.34 -4.59
C ASN E 63 -2.30 33.14 -5.51
N ASP E 64 -3.12 32.12 -5.24
CA ASP E 64 -4.25 31.85 -6.10
C ASP E 64 -5.63 32.13 -5.43
N ASN E 65 -5.63 32.92 -4.36
CA ASN E 65 -6.87 33.37 -3.75
C ASN E 65 -7.82 32.27 -3.21
N TYR E 66 -7.26 31.38 -2.40
CA TYR E 66 -8.02 30.29 -1.78
C TYR E 66 -8.23 30.61 -0.29
N ASP E 67 -9.46 30.49 0.18
CA ASP E 67 -9.76 30.72 1.60
C ASP E 67 -9.13 29.68 2.48
N LEU E 68 -8.97 28.46 1.97
CA LEU E 68 -8.32 27.39 2.70
C LEU E 68 -7.52 26.48 1.75
N ILE E 69 -6.33 26.10 2.21
CA ILE E 69 -5.46 25.18 1.47
C ILE E 69 -5.25 23.97 2.34
N ILE E 70 -5.68 22.79 1.87
CA ILE E 70 -5.57 21.54 2.60
C ILE E 70 -4.44 20.63 1.98
N ALA E 71 -3.42 20.27 2.78
CA ALA E 71 -2.33 19.37 2.38
C ALA E 71 -2.62 18.01 2.94
N VAL E 72 -2.61 17.00 2.08
CA VAL E 72 -2.93 15.65 2.51
C VAL E 72 -1.66 14.81 2.80
N GLY E 73 -1.36 14.57 4.07
CA GLY E 73 -0.21 13.64 4.36
C GLY E 73 0.95 14.28 5.06
N ALA E 74 1.65 13.49 5.84
CA ALA E 74 2.79 13.92 6.63
C ALA E 74 3.97 14.42 5.78
N ARG E 75 4.07 14.06 4.52
CA ARG E 75 5.20 14.53 3.69
C ARG E 75 5.13 16.02 3.37
N PHE E 76 3.96 16.62 3.57
CA PHE E 76 3.79 18.07 3.42
C PHE E 76 4.21 18.87 4.68
N ALA E 77 4.51 18.19 5.80
CA ALA E 77 4.72 18.88 7.09
C ALA E 77 5.75 20.01 7.00
N LYS E 78 6.92 19.67 6.50
CA LYS E 78 8.04 20.61 6.46
C LYS E 78 7.75 21.68 5.41
N PRO E 79 7.42 21.30 4.18
CA PRO E 79 7.16 22.42 3.21
C PRO E 79 5.99 23.35 3.65
N LEU E 80 5.00 22.81 4.33
CA LEU E 80 3.83 23.58 4.64
C LEU E 80 4.21 24.55 5.77
N GLU E 81 5.01 24.10 6.75
CA GLU E 81 5.40 25.00 7.83
C GLU E 81 6.19 26.20 7.34
N MSE E 82 7.12 25.94 6.41
CA MSE E 82 7.95 26.97 5.80
C MSE E 82 7.12 27.99 5.06
O MSE E 82 7.28 29.19 5.23
CB MSE E 82 8.94 26.30 4.83
CG MSE E 82 9.82 27.30 4.06
SE MSE E 82 10.93 26.42 2.64
CE MSE E 82 12.22 27.89 2.35
N VAL E 83 6.23 27.56 4.17
CA VAL E 83 5.41 28.50 3.41
C VAL E 83 4.40 29.20 4.30
N ALA E 84 3.82 28.50 5.27
CA ALA E 84 2.80 29.12 6.14
C ALA E 84 3.32 30.34 6.86
N LYS E 85 4.62 30.34 7.19
CA LYS E 85 5.28 31.50 7.81
C LYS E 85 5.30 32.70 6.86
N LYS E 86 5.35 32.46 5.54
CA LYS E 86 5.44 33.52 4.53
C LYS E 86 4.07 34.19 4.19
N TYR E 87 2.99 33.59 4.66
CA TYR E 87 1.62 34.00 4.36
C TYR E 87 0.79 33.85 5.66
N PRO E 88 1.04 34.71 6.66
CA PRO E 88 0.46 34.47 8.01
C PRO E 88 -1.07 34.57 8.09
N LYS E 89 -1.68 35.25 7.13
CA LYS E 89 -3.12 35.36 7.05
C LYS E 89 -3.75 34.18 6.24
N GLN E 90 -2.95 33.40 5.51
CA GLN E 90 -3.50 32.25 4.79
C GLN E 90 -3.83 31.14 5.77
N GLN E 91 -5.02 30.54 5.61
CA GLN E 91 -5.44 29.42 6.44
C GLN E 91 -5.11 28.14 5.73
N PHE E 92 -4.55 27.20 6.49
CA PHE E 92 -4.18 25.88 5.97
C PHE E 92 -4.65 24.79 6.87
N ALA E 93 -4.74 23.57 6.33
CA ALA E 93 -5.02 22.37 7.12
C ALA E 93 -4.10 21.31 6.64
N ILE E 94 -3.67 20.42 7.53
CA ILE E 94 -2.86 19.24 7.13
C ILE E 94 -3.50 17.97 7.67
N ILE E 95 -3.68 16.97 6.80
CA ILE E 95 -4.22 15.70 7.23
C ILE E 95 -3.09 14.75 7.62
N ASP E 96 -3.24 14.11 8.78
CA ASP E 96 -2.35 13.00 9.22
C ASP E 96 -1.00 13.51 9.72
N TYR E 97 -0.98 14.71 10.29
CA TYR E 97 0.24 15.25 10.88
C TYR E 97 -0.12 16.31 11.89
N GLU E 98 0.59 16.28 13.02
CA GLU E 98 0.41 17.23 14.12
C GLU E 98 1.79 17.77 14.48
N TYR E 99 1.93 19.07 14.53
CA TYR E 99 3.23 19.68 14.86
C TYR E 99 3.45 19.70 16.36
N ASP E 100 4.71 19.64 16.75
CA ASP E 100 5.07 19.80 18.17
C ASP E 100 4.56 21.14 18.69
N LYS E 101 4.94 22.20 17.99
CA LYS E 101 4.44 23.54 18.28
C LYS E 101 3.53 23.90 17.08
N GLN E 102 2.22 23.85 17.27
CA GLN E 102 1.26 24.01 16.17
C GLN E 102 1.24 25.48 15.64
N PRO E 103 1.69 25.73 14.39
CA PRO E 103 1.57 27.09 13.81
C PRO E 103 0.12 27.64 13.86
N SER E 104 0.01 28.96 14.08
CA SER E 104 -1.27 29.59 14.36
C SER E 104 -2.24 29.48 13.19
N ASN E 105 -1.74 29.39 11.96
CA ASN E 105 -2.59 29.31 10.76
C ASN E 105 -2.69 27.91 10.12
N ILE E 106 -2.34 26.85 10.88
CA ILE E 106 -2.47 25.48 10.37
C ILE E 106 -3.31 24.63 11.35
N THR E 107 -4.41 24.06 10.82
CA THR E 107 -5.25 23.12 11.55
C THR E 107 -4.83 21.71 11.17
N SER E 108 -4.45 20.91 12.17
CA SER E 108 -4.14 19.50 11.97
C SER E 108 -5.40 18.65 12.08
N ILE E 109 -5.57 17.70 11.19
CA ILE E 109 -6.72 16.77 11.15
C ILE E 109 -6.14 15.32 11.15
N SER E 110 -6.54 14.50 12.10
CA SER E 110 -6.04 13.10 12.14
C SER E 110 -6.54 12.22 10.94
N TYR E 111 -5.88 11.08 10.71
CA TYR E 111 -6.29 10.09 9.71
C TYR E 111 -7.79 9.64 9.86
N GLU E 112 -8.24 9.44 11.11
CA GLU E 112 -9.63 9.06 11.47
C GLU E 112 -10.64 10.19 11.27
N ASP E 113 -10.26 11.40 11.65
CA ASP E 113 -11.13 12.57 11.47
C ASP E 113 -11.29 12.93 9.94
N ASN E 114 -10.32 12.49 9.13
CA ASN E 114 -10.38 12.63 7.68
C ASN E 114 -11.57 11.86 7.05
N LYS E 115 -11.99 10.77 7.66
CA LYS E 115 -13.15 10.00 7.14
C LYS E 115 -14.38 10.02 8.06
N SER E 116 -14.32 10.75 9.17
CA SER E 116 -15.40 10.83 10.16
C SER E 116 -16.42 11.96 9.93
N GLY E 117 -16.19 12.87 8.97
CA GLY E 117 -17.08 14.02 8.78
C GLY E 117 -16.49 15.29 9.37
N TYR E 118 -15.52 15.13 10.28
CA TYR E 118 -14.82 16.24 10.89
C TYR E 118 -14.27 17.25 9.92
N LEU E 119 -13.52 16.74 8.96
CA LEU E 119 -12.95 17.60 7.95
C LEU E 119 -14.01 18.41 7.19
N ALA E 120 -15.09 17.77 6.81
CA ALA E 120 -16.16 18.50 6.09
C ALA E 120 -16.71 19.60 6.98
N GLY E 121 -16.78 19.31 8.29
CA GLY E 121 -17.28 20.28 9.27
C GLY E 121 -16.32 21.44 9.47
N LEU E 122 -15.03 21.11 9.54
CA LEU E 122 -14.00 22.14 9.64
C LEU E 122 -14.11 23.12 8.49
N ILE E 123 -14.14 22.60 7.25
CA ILE E 123 -14.29 23.45 6.06
C ILE E 123 -15.48 24.33 6.20
N ALA E 124 -16.64 23.76 6.56
CA ALA E 124 -17.87 24.53 6.74
C ALA E 124 -17.76 25.64 7.80
N GLY E 125 -17.04 25.35 8.88
CA GLY E 125 -16.86 26.38 9.91
C GLY E 125 -15.95 27.48 9.39
N LYS E 126 -14.89 27.10 8.68
CA LYS E 126 -13.99 28.16 8.17
C LYS E 126 -14.64 28.99 7.10
N MSE E 127 -15.45 28.36 6.24
CA MSE E 127 -16.09 29.06 5.11
C MSE E 127 -17.26 29.91 5.55
O MSE E 127 -17.58 30.85 4.88
CB MSE E 127 -16.66 28.10 4.06
CG MSE E 127 -15.63 27.17 3.48
SE MSE E 127 -14.25 28.14 2.48
CE MSE E 127 -12.82 28.09 3.77
N THR E 128 -17.93 29.57 6.65
CA THR E 128 -19.08 30.38 7.12
C THR E 128 -18.65 31.29 8.29
N LYS F 7 -19.12 -27.49 -9.53
CA LYS F 7 -18.27 -26.98 -8.44
C LYS F 7 -18.54 -25.49 -8.19
N LYS F 8 -18.03 -24.99 -7.10
CA LYS F 8 -18.26 -23.60 -6.71
C LYS F 8 -17.54 -22.64 -7.65
N SER F 9 -18.11 -21.46 -7.77
CA SER F 9 -17.60 -20.41 -8.65
C SER F 9 -17.77 -19.01 -8.03
N VAL F 10 -16.79 -18.16 -8.26
CA VAL F 10 -16.79 -16.81 -7.69
C VAL F 10 -16.49 -15.82 -8.81
N SER F 11 -17.25 -14.73 -8.83
CA SER F 11 -17.05 -13.68 -9.79
C SER F 11 -16.60 -12.41 -9.08
N MSE F 12 -15.75 -11.63 -9.73
CA MSE F 12 -15.34 -10.33 -9.20
C MSE F 12 -15.53 -9.26 -10.25
O MSE F 12 -15.14 -9.43 -11.38
CB MSE F 12 -13.86 -10.48 -8.77
CG MSE F 12 -13.31 -9.16 -8.23
SE MSE F 12 -11.48 -9.42 -7.51
CE MSE F 12 -12.06 -10.22 -5.84
N ILE F 13 -16.10 -8.12 -9.86
CA ILE F 13 -16.23 -7.00 -10.77
C ILE F 13 -15.45 -5.80 -10.24
N LEU F 14 -14.64 -5.20 -11.11
CA LEU F 14 -13.77 -4.08 -10.75
C LEU F 14 -14.01 -2.83 -11.58
N ASP F 15 -13.83 -1.70 -10.91
CA ASP F 15 -13.94 -0.38 -11.53
C ASP F 15 -12.53 0.13 -11.89
N ILE F 16 -12.28 0.24 -13.20
CA ILE F 16 -10.95 0.62 -13.72
C ILE F 16 -10.94 2.03 -14.36
N GLU F 17 -11.90 2.87 -13.99
CA GLU F 17 -11.87 4.28 -14.41
C GLU F 17 -10.80 5.04 -13.59
N GLY F 18 -9.95 5.82 -14.25
CA GLY F 18 -8.88 6.57 -13.58
C GLY F 18 -7.85 5.67 -12.90
N THR F 19 -7.14 6.21 -11.92
CA THR F 19 -6.07 5.45 -11.28
C THR F 19 -6.18 5.38 -9.76
N ASN F 20 -7.31 5.81 -9.22
CA ASN F 20 -7.47 5.98 -7.78
C ASN F 20 -7.66 4.67 -7.01
N ASN F 21 -7.83 3.54 -7.72
CA ASN F 21 -8.12 2.24 -7.11
C ASN F 21 -7.08 1.18 -7.46
N GLU F 22 -5.90 1.63 -7.87
CA GLU F 22 -4.89 0.74 -8.36
C GLU F 22 -4.51 -0.32 -7.35
N ALA F 23 -4.11 0.09 -6.16
CA ALA F 23 -3.71 -0.88 -5.13
C ALA F 23 -4.84 -1.75 -4.70
N MSE F 24 -6.01 -1.16 -4.55
CA MSE F 24 -7.17 -1.94 -4.09
C MSE F 24 -7.49 -3.03 -5.07
O MSE F 24 -7.82 -4.16 -4.67
CB MSE F 24 -8.37 -0.98 -3.93
CG MSE F 24 -9.57 -1.74 -3.40
SE MSE F 24 -11.08 -0.48 -3.17
CE MSE F 24 -11.07 0.47 -4.81
N ASN F 25 -7.48 -2.67 -6.35
CA ASN F 25 -7.77 -3.62 -7.43
C ASN F 25 -6.79 -4.72 -7.53
N ASN F 26 -5.51 -4.39 -7.36
CA ASN F 26 -4.48 -5.37 -7.38
C ASN F 26 -4.60 -6.31 -6.23
N SER F 27 -4.86 -5.82 -5.04
CA SER F 27 -5.04 -6.69 -3.86
C SER F 27 -6.26 -7.62 -4.00
N ALA F 28 -7.36 -7.09 -4.52
CA ALA F 28 -8.59 -7.84 -4.74
C ALA F 28 -8.36 -9.01 -5.70
N LEU F 29 -7.68 -8.76 -6.82
CA LEU F 29 -7.32 -9.79 -7.78
C LEU F 29 -6.41 -10.83 -7.18
N LEU F 30 -5.41 -10.40 -6.41
CA LEU F 30 -4.52 -11.34 -5.73
C LEU F 30 -5.27 -12.24 -4.73
N ALA F 31 -6.20 -11.69 -3.99
CA ALA F 31 -6.99 -12.45 -3.04
C ALA F 31 -7.79 -13.54 -3.78
N LEU F 32 -8.39 -13.18 -4.91
CA LEU F 32 -9.16 -14.15 -5.71
C LEU F 32 -8.26 -15.29 -6.23
N ASN F 33 -7.11 -14.93 -6.75
CA ASN F 33 -6.14 -15.92 -7.23
C ASN F 33 -5.59 -16.83 -6.13
N ASN F 34 -5.33 -16.27 -4.96
CA ASN F 34 -4.88 -17.02 -3.79
C ASN F 34 -5.97 -17.97 -3.28
N ALA F 35 -7.19 -17.48 -3.20
CA ALA F 35 -8.29 -18.35 -2.79
C ALA F 35 -8.48 -19.56 -3.75
N GLN F 36 -8.39 -19.29 -5.05
CA GLN F 36 -8.53 -20.32 -6.05
C GLN F 36 -7.42 -21.37 -5.94
N LYS F 37 -6.19 -20.95 -5.59
CA LYS F 37 -5.10 -21.92 -5.41
C LYS F 37 -5.36 -22.84 -4.25
N LYS F 38 -6.10 -22.40 -3.25
CA LYS F 38 -6.37 -23.20 -2.05
C LYS F 38 -7.68 -23.98 -2.20
N LEU F 39 -8.46 -23.69 -3.23
CA LEU F 39 -9.79 -24.28 -3.34
C LEU F 39 -9.98 -24.96 -4.67
N ASN F 40 -11.05 -25.70 -4.81
CA ASN F 40 -11.46 -26.22 -6.12
C ASN F 40 -12.63 -25.40 -6.65
N ILE F 41 -12.29 -24.29 -7.33
CA ILE F 41 -13.30 -23.31 -7.77
C ILE F 41 -12.97 -22.71 -9.13
N ASP F 42 -14.02 -22.27 -9.81
CA ASP F 42 -13.92 -21.55 -11.05
C ASP F 42 -14.03 -20.07 -10.74
N THR F 43 -13.32 -19.21 -11.47
CA THR F 43 -13.44 -17.80 -11.21
C THR F 43 -13.64 -17.02 -12.47
N ASN F 44 -14.22 -15.84 -12.29
CA ASN F 44 -14.46 -14.90 -13.40
C ASN F 44 -14.17 -13.49 -12.88
N LYS F 45 -13.69 -12.65 -13.77
CA LYS F 45 -13.32 -11.29 -13.46
C LYS F 45 -13.84 -10.40 -14.58
N VAL F 46 -14.55 -9.35 -14.22
CA VAL F 46 -15.08 -8.34 -15.15
C VAL F 46 -14.53 -6.97 -14.74
N GLU F 47 -14.04 -6.23 -15.70
CA GLU F 47 -13.49 -4.88 -15.48
C GLU F 47 -14.28 -3.94 -16.34
N SER F 48 -14.69 -2.81 -15.78
CA SER F 48 -15.36 -1.78 -16.56
C SER F 48 -14.99 -0.40 -16.08
N ASP F 49 -14.95 0.55 -17.01
CA ASP F 49 -14.64 1.97 -16.64
C ASP F 49 -15.89 2.86 -16.70
N ASP F 50 -17.03 2.25 -17.01
CA ASP F 50 -18.27 2.96 -17.31
C ASP F 50 -19.34 2.59 -16.27
N SER F 51 -19.48 3.47 -15.31
CA SER F 51 -20.44 3.40 -14.22
C SER F 51 -21.88 3.15 -14.66
N SER F 52 -22.25 3.68 -15.82
CA SER F 52 -23.60 3.45 -16.33
C SER F 52 -23.91 2.01 -16.76
N THR F 53 -22.90 1.17 -16.87
CA THR F 53 -23.10 -0.23 -17.21
C THR F 53 -23.04 -1.17 -15.94
N PHE F 54 -22.67 -0.63 -14.76
CA PHE F 54 -22.41 -1.43 -13.52
C PHE F 54 -23.61 -2.27 -13.11
N SER F 55 -24.79 -1.66 -13.13
CA SER F 55 -26.04 -2.36 -12.83
C SER F 55 -26.30 -3.55 -13.74
N ASN F 56 -26.27 -3.27 -15.03
CA ASN F 56 -26.48 -4.32 -16.01
C ASN F 56 -25.45 -5.43 -15.83
N SER F 57 -24.19 -5.04 -15.61
CA SER F 57 -23.10 -6.01 -15.47
C SER F 57 -23.26 -6.94 -14.25
N ILE F 58 -23.68 -6.38 -13.15
CA ILE F 58 -23.91 -7.16 -11.95
C ILE F 58 -25.12 -8.09 -12.19
N ASP F 59 -26.19 -7.57 -12.84
CA ASP F 59 -27.37 -8.37 -13.18
C ASP F 59 -26.97 -9.57 -14.06
N ILE F 60 -26.06 -9.36 -15.01
CA ILE F 60 -25.60 -10.48 -15.81
C ILE F 60 -25.01 -11.57 -14.93
N LEU F 61 -24.14 -11.20 -13.99
CA LEU F 61 -23.48 -12.14 -13.11
C LEU F 61 -24.49 -12.91 -12.22
N CYS F 62 -25.53 -12.21 -11.78
CA CYS F 62 -26.66 -12.84 -11.03
C CYS F 62 -27.40 -13.89 -11.80
N ASN F 63 -27.26 -13.86 -13.13
CA ASN F 63 -27.83 -14.83 -14.00
C ASN F 63 -26.84 -15.86 -14.51
N ASP F 64 -25.60 -15.87 -13.96
CA ASP F 64 -24.55 -16.75 -14.44
C ASP F 64 -24.07 -17.78 -13.41
N ASN F 65 -24.91 -18.11 -12.42
CA ASN F 65 -24.65 -19.14 -11.40
C ASN F 65 -23.35 -19.05 -10.62
N TYR F 66 -23.05 -17.88 -10.03
CA TYR F 66 -21.89 -17.76 -9.11
C TYR F 66 -22.33 -17.97 -7.67
N ASP F 67 -21.54 -18.71 -6.87
CA ASP F 67 -21.76 -18.77 -5.41
C ASP F 67 -21.53 -17.49 -4.68
N LEU F 68 -20.67 -16.63 -5.23
CA LEU F 68 -20.34 -15.37 -4.65
C LEU F 68 -19.93 -14.37 -5.72
N ILE F 69 -20.40 -13.14 -5.59
CA ILE F 69 -20.09 -12.03 -6.51
C ILE F 69 -19.44 -10.92 -5.63
N ILE F 70 -18.21 -10.55 -5.95
CA ILE F 70 -17.51 -9.50 -5.21
C ILE F 70 -17.39 -8.24 -6.05
N ALA F 71 -17.88 -7.11 -5.53
CA ALA F 71 -17.77 -5.81 -6.18
C ALA F 71 -16.63 -5.05 -5.49
N VAL F 72 -15.72 -4.45 -6.27
CA VAL F 72 -14.52 -3.81 -5.69
C VAL F 72 -14.60 -2.29 -5.78
N GLY F 73 -14.94 -1.67 -4.66
CA GLY F 73 -14.98 -0.23 -4.53
C GLY F 73 -16.31 0.41 -4.29
N ALA F 74 -16.23 1.61 -3.74
CA ALA F 74 -17.43 2.39 -3.38
C ALA F 74 -18.34 2.78 -4.54
N ARG F 75 -17.80 2.93 -5.77
CA ARG F 75 -18.67 3.28 -6.91
C ARG F 75 -19.72 2.19 -7.27
N PHE F 76 -19.57 0.97 -6.72
CA PHE F 76 -20.56 -0.08 -6.85
C PHE F 76 -21.67 -0.06 -5.81
N ALA F 77 -21.58 0.78 -4.78
CA ALA F 77 -22.56 0.76 -3.68
C ALA F 77 -24.04 0.84 -4.17
N LYS F 78 -24.35 1.81 -5.02
CA LYS F 78 -25.74 2.02 -5.44
C LYS F 78 -26.19 0.89 -6.38
N PRO F 79 -25.44 0.62 -7.45
CA PRO F 79 -25.95 -0.40 -8.34
C PRO F 79 -26.04 -1.78 -7.67
N LEU F 80 -25.10 -2.08 -6.74
CA LEU F 80 -25.09 -3.37 -6.05
C LEU F 80 -26.33 -3.49 -5.21
N GLU F 81 -26.64 -2.45 -4.45
CA GLU F 81 -27.77 -2.52 -3.51
C GLU F 81 -29.10 -2.79 -4.24
N MSE F 82 -29.29 -2.11 -5.37
N MSE F 82 -29.30 -2.14 -5.39
CA MSE F 82 -30.47 -2.29 -6.24
CA MSE F 82 -30.53 -2.34 -6.19
C MSE F 82 -30.56 -3.72 -6.77
C MSE F 82 -30.58 -3.73 -6.80
O MSE F 82 -31.59 -4.37 -6.68
O MSE F 82 -31.63 -4.39 -6.79
CB MSE F 82 -30.34 -1.25 -7.37
CB MSE F 82 -30.69 -1.23 -7.24
CG MSE F 82 -31.60 -1.04 -8.24
CG MSE F 82 -30.21 -1.53 -8.67
SE MSE F 82 -31.24 0.18 -9.78
SE MSE F 82 -31.60 -2.39 -9.81
CE MSE F 82 -30.89 1.82 -8.72
CE MSE F 82 -31.41 -1.19 -11.37
N VAL F 83 -29.47 -4.23 -7.36
CA VAL F 83 -29.46 -5.60 -7.94
C VAL F 83 -29.64 -6.66 -6.82
N ALA F 84 -28.98 -6.46 -5.68
CA ALA F 84 -29.05 -7.43 -4.58
C ALA F 84 -30.47 -7.69 -4.00
N LYS F 85 -31.32 -6.70 -4.10
CA LYS F 85 -32.71 -6.77 -3.67
C LYS F 85 -33.54 -7.66 -4.61
N LYS F 86 -33.13 -7.75 -5.88
CA LYS F 86 -33.78 -8.59 -6.87
C LYS F 86 -33.35 -10.02 -6.84
N TYR F 87 -32.20 -10.27 -6.21
CA TYR F 87 -31.60 -11.61 -6.15
C TYR F 87 -31.26 -11.94 -4.70
N PRO F 88 -32.30 -12.15 -3.86
CA PRO F 88 -32.08 -12.38 -2.42
C PRO F 88 -31.35 -13.67 -2.08
N LYS F 89 -31.39 -14.67 -2.98
CA LYS F 89 -30.62 -15.90 -2.74
C LYS F 89 -29.15 -15.73 -3.04
N GLN F 90 -28.76 -14.68 -3.79
CA GLN F 90 -27.39 -14.50 -4.22
C GLN F 90 -26.56 -13.86 -3.13
N GLN F 91 -25.37 -14.42 -2.90
CA GLN F 91 -24.39 -13.85 -1.92
C GLN F 91 -23.47 -12.87 -2.63
N PHE F 92 -23.33 -11.68 -2.06
CA PHE F 92 -22.44 -10.65 -2.59
C PHE F 92 -21.46 -10.16 -1.52
N ALA F 93 -20.37 -9.54 -1.99
CA ALA F 93 -19.44 -8.86 -1.12
C ALA F 93 -19.06 -7.53 -1.78
N ILE F 94 -18.80 -6.50 -0.97
CA ILE F 94 -18.32 -5.22 -1.48
C ILE F 94 -17.09 -4.82 -0.70
N ILE F 95 -16.05 -4.41 -1.43
CA ILE F 95 -14.81 -3.98 -0.80
C ILE F 95 -14.82 -2.45 -0.69
N ASP F 96 -14.47 -1.97 0.50
CA ASP F 96 -14.28 -0.52 0.80
C ASP F 96 -15.59 0.29 0.79
N TYR F 97 -16.69 -0.35 1.14
CA TYR F 97 -17.96 0.33 1.38
C TYR F 97 -18.76 -0.41 2.42
N GLU F 98 -19.34 0.36 3.35
CA GLU F 98 -20.32 -0.14 4.31
C GLU F 98 -21.62 0.65 4.19
N TYR F 99 -22.74 -0.07 4.19
CA TYR F 99 -24.03 0.56 4.08
C TYR F 99 -24.51 0.98 5.48
N ASP F 100 -25.23 2.11 5.55
CA ASP F 100 -25.93 2.52 6.80
C ASP F 100 -26.80 1.38 7.31
N LYS F 101 -27.62 0.83 6.43
CA LYS F 101 -28.45 -0.31 6.78
C LYS F 101 -28.00 -1.42 5.82
N GLN F 102 -27.39 -2.46 6.37
CA GLN F 102 -26.61 -3.40 5.55
C GLN F 102 -27.55 -4.44 4.95
N PRO F 103 -27.59 -4.56 3.62
CA PRO F 103 -28.51 -5.61 3.07
C PRO F 103 -28.02 -6.99 3.50
N SER F 104 -28.96 -7.88 3.78
CA SER F 104 -28.65 -9.20 4.38
C SER F 104 -27.79 -10.11 3.48
N ASN F 105 -27.80 -9.91 2.17
CA ASN F 105 -26.98 -10.73 1.28
C ASN F 105 -25.70 -10.05 0.79
N ILE F 106 -25.30 -8.96 1.45
CA ILE F 106 -24.04 -8.27 1.11
C ILE F 106 -23.13 -8.19 2.32
N THR F 107 -21.95 -8.78 2.18
CA THR F 107 -20.91 -8.67 3.17
C THR F 107 -19.92 -7.55 2.79
N SER F 108 -19.68 -6.63 3.73
CA SER F 108 -18.69 -5.53 3.54
C SER F 108 -17.26 -5.96 3.96
N ILE F 109 -16.27 -5.63 3.16
CA ILE F 109 -14.90 -5.88 3.51
C ILE F 109 -14.16 -4.55 3.50
N SER F 110 -13.43 -4.26 4.58
CA SER F 110 -12.68 -3.01 4.69
C SER F 110 -11.49 -2.95 3.69
N TYR F 111 -10.91 -1.76 3.52
CA TYR F 111 -9.74 -1.61 2.64
C TYR F 111 -8.55 -2.47 3.15
N GLU F 112 -8.32 -2.40 4.45
CA GLU F 112 -7.26 -3.13 5.15
C GLU F 112 -7.40 -4.65 5.01
N ASP F 113 -8.64 -5.13 5.12
CA ASP F 113 -8.85 -6.53 5.08
C ASP F 113 -8.70 -7.04 3.65
N ASN F 114 -8.93 -6.18 2.68
CA ASN F 114 -8.69 -6.54 1.30
C ASN F 114 -7.18 -6.77 1.06
N LYS F 115 -6.37 -5.87 1.65
CA LYS F 115 -4.89 -5.84 1.50
C LYS F 115 -4.21 -7.02 2.21
N SER F 116 -4.72 -7.43 3.36
CA SER F 116 -4.13 -8.56 4.10
C SER F 116 -4.64 -9.86 3.47
N GLY F 117 -4.32 -10.99 4.09
CA GLY F 117 -4.82 -12.28 3.62
C GLY F 117 -6.28 -12.56 3.99
N TYR F 118 -6.95 -11.57 4.57
CA TYR F 118 -8.34 -11.74 5.05
C TYR F 118 -9.33 -12.05 3.95
N LEU F 119 -9.33 -11.27 2.87
CA LEU F 119 -10.27 -11.54 1.79
C LEU F 119 -10.10 -12.97 1.21
N ALA F 120 -8.88 -13.43 1.04
CA ALA F 120 -8.69 -14.77 0.49
C ALA F 120 -9.25 -15.83 1.47
N GLY F 121 -9.03 -15.59 2.75
CA GLY F 121 -9.57 -16.41 3.81
C GLY F 121 -11.08 -16.43 3.84
N LEU F 122 -11.69 -15.26 3.61
CA LEU F 122 -13.14 -15.14 3.60
C LEU F 122 -13.79 -15.90 2.43
N ILE F 123 -13.19 -15.80 1.26
CA ILE F 123 -13.65 -16.56 0.10
C ILE F 123 -13.57 -18.06 0.42
N ALA F 124 -12.44 -18.52 0.94
CA ALA F 124 -12.32 -19.95 1.27
C ALA F 124 -13.34 -20.36 2.29
N GLY F 125 -13.60 -19.49 3.27
CA GLY F 125 -14.55 -19.79 4.32
C GLY F 125 -15.97 -19.88 3.80
N LYS F 126 -16.33 -18.96 2.91
CA LYS F 126 -17.66 -19.01 2.28
C LYS F 126 -17.90 -20.14 1.26
N MSE F 127 -16.85 -20.66 0.63
CA MSE F 127 -16.96 -21.76 -0.34
C MSE F 127 -16.88 -23.10 0.29
O MSE F 127 -17.09 -24.07 -0.38
CB MSE F 127 -15.81 -21.74 -1.36
CG MSE F 127 -15.74 -20.44 -2.14
SE MSE F 127 -17.33 -20.23 -3.23
CE MSE F 127 -18.40 -18.97 -2.25
N THR F 128 -16.59 -23.20 1.57
CA THR F 128 -16.55 -24.50 2.27
C THR F 128 -17.40 -24.46 3.54
C1 GOL G . 6.19 -24.02 13.18
O1 GOL G . 6.56 -24.60 14.43
C2 GOL G . 6.84 -24.79 12.03
O2 GOL G . 6.56 -26.19 12.14
C3 GOL G . 6.30 -24.24 10.70
O3 GOL G . 6.09 -25.27 9.74
C1 GOL H . 13.81 14.20 -2.80
O1 GOL H . 13.16 13.37 -1.84
C2 GOL H . 13.50 13.67 -4.20
O2 GOL H . 14.58 13.99 -5.10
C3 GOL H . 12.20 14.29 -4.66
O3 GOL H . 12.07 14.12 -6.08
C ACT I . -2.23 21.40 -13.68
O ACT I . -1.52 22.18 -14.37
OXT ACT I . -2.84 21.77 -12.62
CH3 ACT I . -2.36 19.98 -14.14
NA NA J . -21.94 22.06 -4.70
C1 GOL K . -26.06 25.48 -1.69
O1 GOL K . -26.17 26.90 -1.76
C2 GOL K . -24.80 25.01 -2.41
O2 GOL K . -24.56 25.70 -3.66
C3 GOL K . -24.87 23.51 -2.68
O3 GOL K . -24.01 23.18 -3.79
#